data_6WBV
#
_entry.id   6WBV
#
_cell.length_a   1.00
_cell.length_b   1.00
_cell.length_c   1.00
_cell.angle_alpha   90.00
_cell.angle_beta   90.00
_cell.angle_gamma   90.00
#
_symmetry.space_group_name_H-M   'P 1'
#
loop_
_entity.id
_entity.type
_entity.pdbx_description
1 polymer Hepcidin
2 polymer 'Solute carrier family 40 member 1'
3 polymer 'Fab45D8 Light Chain'
4 polymer 'Fab45D8 Heavy Chain'
5 non-polymer '(1S)-2-{[{[(2S)-2,3-DIHYDROXYPROPYL]OXY}(HYDROXY)PHOSPHORYL]OXY}-1-[(PENTANOYLOXY)METHYL]ETHYL OCTANOATE'
6 non-polymer 'COBALT (II) ION'
7 water water
#
loop_
_entity_poly.entity_id
_entity_poly.type
_entity_poly.pdbx_seq_one_letter_code
_entity_poly.pdbx_strand_id
1 'polypeptide(L)' DTHFPICIFCCGCCHRSKCGMCCKT B
2 'polypeptide(L)'
;MTRAGDHNRQRGCCGSLADYLTSAKFLLYLGHSLSTWGDRMWHFAVSVFLVELYGNSLLLTAVYGLVVAGSVLVLGAIIG
DWVDKNARLKVAQTSLVVQNVSVILCGIILMMVFLHKHELLTMYHGWVLTSCYILIITIANIANLASTATAITIQRDWIV
VVAGEDRSKLANMNATIRRIDQLTNILAPMAVGQIMTFGSPVIGCGFISGWNLVSMCVEYVLLWKVYQKTPALAVKAGLK
EEETELKQLNLHKDTEPKPLEGTHLMGVKDSNIHELEHEQEPTCASQMAEPFRTFRDGWVSYYNQPVFLAGMGLAFLYMT
VLGFDCITTGYAYTQGLSGSILSILMGASAITGIMGTVAFTWLRRKCGLVRTGLISGLAQLSCLILCVISVFMPGSPLDL
SVSPFEDIRSRFIQGESITPTKIPEITTEIYMSNGSNSANIVPETSPESVPIISVSLLFAGVIAARIGLWSFDLTVTQLL
QENVIESERGIINGVQNSMNYLLDLLHFIMVILAPNPEAFGLLVLISVSFVAMGHIMYFRFAQNTLGNKLFACGPDAKEV
RKENQANTSVVGSGLEVLFQGPGAAEDQVDPRLIDGKHHHHHHHH
;
A
3 'polypeptide(L)'
;DIVLTQSPASLPVSLGQRATISCRASKSVSASAYSYMHWYQQKPGQPPKPLIYLASNLESGVPARFSGSGSGTDFTLNIH
PVEEEDAATYYCQHNRELPYTFGGGTKLEIKRADAAPTVSIFPPSSEQLTSGGASVVCFLNNFYPKDINVKWKIDGSERQ
NGVLNSWTDQDSKDSTYSMSSTLTLTKDEYERHNSYTCEATHKTSTSPIVKSFNRNEC
;
L
4 'polypeptide(L)'
;EVQLQESGPGLAKPSQTLSLTCSVTGSSITSDYWNWIRKFPGNKLEYMGYISYSGSTYYNPSLKSQISITRDTSKNHYYL
QLNSVTTEDTATYYCARQGLRNWYFDVWGTGTTVTVSSAKTTAPSVYPLAPVCGGTTGSSVTLGCLVKGYFPEPVTLTWN
SGSLSSGVHTFPALLQSGLYTLSSSVTVTSNTWPSQTITCNVAHPASSTKVDKKIEPRVP
;
H
#
# COMPACT_ATOMS: atom_id res chain seq x y z
N ASP A 1 -13.75 28.73 -9.82
CA ASP A 1 -13.25 27.48 -9.27
C ASP A 1 -14.38 26.65 -8.68
N THR A 2 -14.22 25.34 -8.69
CA THR A 2 -15.20 24.48 -8.04
C THR A 2 -15.19 24.72 -6.54
N HIS A 3 -16.39 24.75 -5.95
CA HIS A 3 -16.50 24.94 -4.51
C HIS A 3 -16.02 23.74 -3.71
N PHE A 4 -16.04 22.55 -4.28
CA PHE A 4 -15.66 21.32 -3.58
C PHE A 4 -14.67 20.53 -4.43
N PRO A 5 -13.44 21.03 -4.55
CA PRO A 5 -12.42 20.28 -5.30
C PRO A 5 -12.06 18.96 -4.64
N ILE A 6 -11.69 17.98 -5.47
CA ILE A 6 -11.10 16.74 -4.98
C ILE A 6 -9.77 16.54 -5.69
N CYS A 7 -8.83 17.44 -5.42
CA CYS A 7 -7.51 17.42 -6.03
C CYS A 7 -6.46 17.11 -4.98
N ILE A 8 -5.48 16.28 -5.35
CA ILE A 8 -4.38 15.91 -4.45
C ILE A 8 -3.12 15.69 -5.29
N PHE A 9 -1.97 15.83 -4.63
CA PHE A 9 -0.70 15.37 -5.19
C PHE A 9 -0.55 13.90 -4.83
N CYS A 10 -0.19 13.07 -5.82
CA CYS A 10 -0.04 11.64 -5.60
C CYS A 10 0.72 11.04 -6.77
N CYS A 11 0.88 9.72 -6.74
CA CYS A 11 1.54 8.99 -7.82
C CYS A 11 0.75 7.73 -8.13
N GLY A 12 0.42 7.54 -9.40
CA GLY A 12 -0.30 6.36 -9.83
C GLY A 12 -1.79 6.49 -9.62
N CYS A 13 -2.20 7.64 -9.06
CA CYS A 13 -3.60 7.85 -8.76
C CYS A 13 -4.39 8.20 -10.01
N CYS A 14 -3.91 9.15 -10.80
CA CYS A 14 -4.56 9.54 -12.03
C CYS A 14 -4.06 8.75 -13.23
N HIS A 15 -2.78 8.40 -13.23
CA HIS A 15 -2.14 7.80 -14.40
C HIS A 15 -0.96 6.95 -13.96
N ARG A 16 -0.69 5.90 -14.73
CA ARG A 16 0.35 4.95 -14.38
C ARG A 16 1.73 5.60 -14.43
N SER A 17 2.57 5.26 -13.46
CA SER A 17 3.98 5.62 -13.36
C SER A 17 4.25 7.12 -13.47
N LYS A 18 3.32 7.97 -13.06
CA LYS A 18 3.52 9.41 -13.10
C LYS A 18 2.93 10.05 -11.86
N CYS A 19 3.76 10.77 -11.12
CA CYS A 19 3.34 11.52 -9.95
C CYS A 19 2.91 12.93 -10.37
N GLY A 20 2.14 13.57 -9.50
CA GLY A 20 1.77 14.96 -9.70
C GLY A 20 0.38 15.27 -9.18
N MET A 21 -0.12 16.42 -9.62
CA MET A 21 -1.46 16.90 -9.29
C MET A 21 -2.49 16.02 -9.97
N CYS A 22 -3.60 15.76 -9.29
CA CYS A 22 -4.64 14.87 -9.79
C CYS A 22 -5.97 15.27 -9.19
N CYS A 23 -6.90 15.68 -10.05
CA CYS A 23 -8.27 15.97 -9.65
C CYS A 23 -9.18 14.89 -10.20
N LYS A 24 -10.05 14.36 -9.35
CA LYS A 24 -10.99 13.32 -9.76
C LYS A 24 -12.30 13.87 -10.28
N THR A 25 -12.65 15.10 -9.94
CA THR A 25 -13.90 15.69 -10.36
C THR A 25 -13.66 17.12 -10.82
N SER B 16 6.97 54.54 6.57
CA SER B 16 5.58 54.97 6.73
C SER B 16 4.62 53.80 6.59
N LEU B 17 5.17 52.59 6.46
CA LEU B 17 4.33 51.41 6.43
C LEU B 17 3.73 51.08 7.79
N ALA B 18 4.27 51.64 8.87
CA ALA B 18 3.66 51.44 10.18
C ALA B 18 2.26 52.00 10.24
N ASP B 19 1.98 53.02 9.42
CA ASP B 19 0.62 53.55 9.35
C ASP B 19 -0.27 52.68 8.49
N TYR B 20 0.24 52.20 7.34
CA TYR B 20 -0.55 51.36 6.46
C TYR B 20 -0.88 50.02 7.09
N LEU B 21 0.01 49.48 7.92
CA LEU B 21 -0.17 48.16 8.49
C LEU B 21 -1.21 48.14 9.61
N THR B 22 -1.63 49.30 10.11
CA THR B 22 -2.66 49.39 11.13
C THR B 22 -4.01 49.84 10.56
N SER B 23 -4.10 50.04 9.25
CA SER B 23 -5.37 50.43 8.63
C SER B 23 -6.31 49.24 8.55
N ALA B 24 -7.61 49.53 8.55
CA ALA B 24 -8.62 48.47 8.51
C ALA B 24 -8.56 47.69 7.21
N LYS B 25 -8.12 48.33 6.13
CA LYS B 25 -8.05 47.65 4.84
C LYS B 25 -7.01 46.54 4.85
N PHE B 26 -5.81 46.83 5.38
CA PHE B 26 -4.80 45.78 5.47
C PHE B 26 -5.20 44.69 6.45
N LEU B 27 -5.89 45.04 7.53
CA LEU B 27 -6.35 44.03 8.46
C LEU B 27 -7.38 43.10 7.81
N LEU B 28 -8.22 43.66 6.95
CA LEU B 28 -9.14 42.83 6.18
C LEU B 28 -8.39 41.92 5.23
N TYR B 29 -7.37 42.45 4.56
CA TYR B 29 -6.56 41.62 3.66
C TYR B 29 -5.90 40.47 4.41
N LEU B 30 -5.38 40.76 5.60
CA LEU B 30 -4.66 39.75 6.38
C LEU B 30 -5.60 38.66 6.89
N GLY B 31 -6.78 39.05 7.36
CA GLY B 31 -7.73 38.05 7.80
C GLY B 31 -8.24 37.21 6.65
N HIS B 32 -8.44 37.82 5.49
CA HIS B 32 -8.86 37.03 4.34
C HIS B 32 -7.78 36.07 3.91
N SER B 33 -6.51 36.48 4.00
CA SER B 33 -5.41 35.59 3.64
C SER B 33 -5.36 34.38 4.57
N LEU B 34 -5.51 34.62 5.87
CA LEU B 34 -5.48 33.52 6.82
C LEU B 34 -6.64 32.56 6.59
N SER B 35 -7.83 33.10 6.36
CA SER B 35 -9.00 32.25 6.14
C SER B 35 -8.86 31.42 4.87
N THR B 36 -8.40 32.04 3.79
CA THR B 36 -8.27 31.32 2.53
C THR B 36 -7.21 30.24 2.62
N TRP B 37 -6.11 30.52 3.33
CA TRP B 37 -5.06 29.52 3.46
C TRP B 37 -5.56 28.31 4.24
N GLY B 38 -6.28 28.55 5.34
CA GLY B 38 -6.81 27.44 6.10
C GLY B 38 -7.85 26.65 5.33
N ASP B 39 -8.68 27.35 4.54
CA ASP B 39 -9.72 26.66 3.79
C ASP B 39 -9.12 25.77 2.71
N ARG B 40 -8.05 26.23 2.05
CA ARG B 40 -7.45 25.40 1.01
C ARG B 40 -6.76 24.19 1.61
N MET B 41 -6.05 24.36 2.74
CA MET B 41 -5.42 23.19 3.36
C MET B 41 -6.47 22.19 3.82
N TRP B 42 -7.62 22.68 4.29
CA TRP B 42 -8.68 21.80 4.71
C TRP B 42 -9.27 21.02 3.54
N HIS B 43 -9.48 21.69 2.39
CA HIS B 43 -10.00 20.98 1.23
C HIS B 43 -9.01 19.94 0.74
N PHE B 44 -7.73 20.22 0.83
CA PHE B 44 -6.73 19.23 0.44
C PHE B 44 -6.78 18.01 1.34
N ALA B 45 -6.93 18.22 2.65
CA ALA B 45 -6.99 17.07 3.57
C ALA B 45 -8.24 16.23 3.30
N VAL B 46 -9.37 16.88 3.03
CA VAL B 46 -10.58 16.11 2.75
C VAL B 46 -10.43 15.33 1.45
N SER B 47 -9.76 15.91 0.45
CA SER B 47 -9.55 15.19 -0.79
C SER B 47 -8.65 13.98 -0.58
N VAL B 48 -7.64 14.11 0.29
CA VAL B 48 -6.78 12.97 0.58
C VAL B 48 -7.58 11.87 1.26
N PHE B 49 -8.45 12.24 2.20
CA PHE B 49 -9.27 11.23 2.89
C PHE B 49 -10.17 10.51 1.90
N LEU B 50 -10.78 11.25 0.97
CA LEU B 50 -11.69 10.62 0.01
C LEU B 50 -10.93 9.70 -0.94
N VAL B 51 -9.79 10.15 -1.45
CA VAL B 51 -9.04 9.32 -2.39
C VAL B 51 -8.48 8.07 -1.70
N GLU B 52 -8.12 8.16 -0.43
CA GLU B 52 -7.47 7.01 0.20
C GLU B 52 -8.47 6.03 0.80
N LEU B 53 -9.30 6.46 1.74
CA LEU B 53 -10.16 5.49 2.40
C LEU B 53 -11.40 5.14 1.60
N TYR B 54 -11.67 5.84 0.51
CA TYR B 54 -12.86 5.56 -0.29
C TYR B 54 -12.57 5.63 -1.77
N GLY B 55 -11.39 5.18 -2.18
CA GLY B 55 -11.12 5.03 -3.59
C GLY B 55 -11.90 3.90 -4.20
N ASN B 56 -11.96 3.88 -5.53
CA ASN B 56 -12.66 2.86 -6.29
C ASN B 56 -14.16 2.83 -6.02
N SER B 57 -14.67 3.81 -5.27
CA SER B 57 -16.10 3.94 -5.01
C SER B 57 -16.63 5.18 -5.72
N LEU B 58 -17.73 5.04 -6.44
CA LEU B 58 -18.34 6.15 -7.15
C LEU B 58 -19.53 6.75 -6.43
N LEU B 59 -20.25 5.94 -5.64
CA LEU B 59 -21.45 6.43 -4.97
C LEU B 59 -21.13 7.49 -3.93
N LEU B 60 -19.99 7.38 -3.27
CA LEU B 60 -19.71 8.24 -2.12
C LEU B 60 -19.10 9.58 -2.51
N THR B 61 -18.34 9.64 -3.60
CA THR B 61 -17.87 10.92 -4.11
C THR B 61 -19.06 11.78 -4.54
N ALA B 62 -20.00 11.17 -5.26
CA ALA B 62 -21.19 11.89 -5.66
C ALA B 62 -22.01 12.30 -4.46
N VAL B 63 -22.04 11.46 -3.42
CA VAL B 63 -22.79 11.81 -2.22
C VAL B 63 -22.15 13.01 -1.51
N TYR B 64 -20.82 13.08 -1.50
CA TYR B 64 -20.15 14.21 -0.86
C TYR B 64 -20.46 15.50 -1.60
N GLY B 65 -20.32 15.49 -2.93
CA GLY B 65 -20.62 16.70 -3.68
C GLY B 65 -22.09 17.08 -3.61
N LEU B 66 -22.98 16.09 -3.61
CA LEU B 66 -24.40 16.37 -3.52
C LEU B 66 -24.78 16.95 -2.17
N VAL B 67 -24.19 16.43 -1.09
CA VAL B 67 -24.52 16.95 0.24
C VAL B 67 -24.06 18.39 0.37
N VAL B 68 -22.83 18.69 -0.06
CA VAL B 68 -22.34 20.06 0.08
C VAL B 68 -23.18 21.01 -0.78
N ALA B 69 -23.31 20.70 -2.06
CA ALA B 69 -23.99 21.63 -2.96
C ALA B 69 -25.46 21.77 -2.62
N GLY B 70 -26.12 20.68 -2.22
CA GLY B 70 -27.53 20.76 -1.90
C GLY B 70 -27.80 21.44 -0.58
N SER B 71 -26.88 21.33 0.37
CA SER B 71 -27.03 22.09 1.59
C SER B 71 -26.94 23.57 1.32
N VAL B 72 -25.98 24.00 0.49
CA VAL B 72 -25.94 25.42 0.19
C VAL B 72 -27.17 25.84 -0.61
N LEU B 73 -27.63 24.98 -1.52
CA LEU B 73 -28.77 25.31 -2.35
C LEU B 73 -30.05 25.46 -1.54
N VAL B 74 -30.18 24.71 -0.45
CA VAL B 74 -31.36 24.83 0.39
C VAL B 74 -31.22 25.94 1.43
N LEU B 75 -30.02 26.17 1.96
CA LEU B 75 -29.86 27.05 3.11
C LEU B 75 -29.26 28.40 2.81
N GLY B 76 -28.97 28.73 1.54
CA GLY B 76 -28.31 30.00 1.27
C GLY B 76 -29.17 31.21 1.61
N ALA B 77 -30.46 31.16 1.26
CA ALA B 77 -31.35 32.25 1.63
C ALA B 77 -31.54 32.35 3.13
N ILE B 78 -31.56 31.21 3.83
CA ILE B 78 -31.73 31.25 5.28
C ILE B 78 -30.52 31.87 5.94
N ILE B 79 -29.32 31.48 5.49
CA ILE B 79 -28.11 32.05 6.06
C ILE B 79 -27.99 33.53 5.72
N GLY B 80 -28.43 33.93 4.53
CA GLY B 80 -28.38 35.34 4.19
C GLY B 80 -29.36 36.17 5.00
N ASP B 81 -30.54 35.62 5.27
CA ASP B 81 -31.47 36.31 6.16
C ASP B 81 -30.92 36.41 7.57
N TRP B 82 -30.23 35.37 8.03
CA TRP B 82 -29.61 35.44 9.36
C TRP B 82 -28.52 36.49 9.41
N VAL B 83 -27.77 36.66 8.32
CA VAL B 83 -26.78 37.73 8.28
C VAL B 83 -27.46 39.08 8.28
N ASP B 84 -28.57 39.21 7.55
CA ASP B 84 -29.27 40.49 7.50
C ASP B 84 -29.89 40.89 8.83
N LYS B 85 -30.34 39.93 9.64
CA LYS B 85 -31.14 40.25 10.80
C LYS B 85 -30.35 40.54 12.07
N ASN B 86 -29.03 40.39 12.07
CA ASN B 86 -28.26 40.46 13.30
C ASN B 86 -27.10 41.43 13.16
N ALA B 87 -26.46 41.71 14.29
CA ALA B 87 -25.32 42.63 14.33
C ALA B 87 -24.11 42.05 13.59
N ARG B 88 -23.35 42.93 12.94
CA ARG B 88 -22.30 42.49 12.04
C ARG B 88 -21.18 41.76 12.76
N LEU B 89 -20.68 42.33 13.86
CA LEU B 89 -19.58 41.71 14.58
C LEU B 89 -19.99 40.35 15.13
N LYS B 90 -21.25 40.22 15.55
CA LYS B 90 -21.74 38.96 16.08
C LYS B 90 -21.74 37.87 15.02
N VAL B 91 -22.32 38.16 13.85
CA VAL B 91 -22.37 37.13 12.82
C VAL B 91 -20.99 36.81 12.29
N ALA B 92 -20.09 37.79 12.23
CA ALA B 92 -18.77 37.52 11.69
C ALA B 92 -17.96 36.62 12.63
N GLN B 93 -17.93 36.98 13.91
CA GLN B 93 -17.19 36.15 14.87
C GLN B 93 -17.84 34.79 15.05
N THR B 94 -19.17 34.71 14.95
CA THR B 94 -19.84 33.42 15.07
C THR B 94 -19.52 32.51 13.89
N SER B 95 -19.55 33.06 12.67
CA SER B 95 -19.21 32.24 11.51
C SER B 95 -17.76 31.78 11.57
N LEU B 96 -16.87 32.65 12.02
CA LEU B 96 -15.46 32.27 12.11
C LEU B 96 -15.26 31.16 13.14
N VAL B 97 -15.89 31.29 14.31
CA VAL B 97 -15.70 30.28 15.35
C VAL B 97 -16.30 28.95 14.94
N VAL B 98 -17.50 28.98 14.32
CA VAL B 98 -18.13 27.73 13.92
C VAL B 98 -17.30 27.02 12.87
N GLN B 99 -16.81 27.75 11.87
CA GLN B 99 -16.04 27.10 10.81
C GLN B 99 -14.74 26.53 11.36
N ASN B 100 -14.03 27.28 12.21
CA ASN B 100 -12.74 26.79 12.66
C ASN B 100 -12.88 25.63 13.64
N VAL B 101 -13.88 25.67 14.53
CA VAL B 101 -14.06 24.54 15.43
C VAL B 101 -14.46 23.30 14.64
N SER B 102 -15.26 23.47 13.58
CA SER B 102 -15.62 22.33 12.76
C SER B 102 -14.39 21.72 12.09
N VAL B 103 -13.53 22.57 11.50
CA VAL B 103 -12.34 22.04 10.85
C VAL B 103 -11.40 21.39 11.85
N ILE B 104 -11.31 21.92 13.07
CA ILE B 104 -10.39 21.36 14.06
C ILE B 104 -10.86 19.97 14.49
N LEU B 105 -12.15 19.84 14.82
CA LEU B 105 -12.66 18.54 15.23
C LEU B 105 -12.56 17.53 14.08
N CYS B 106 -12.90 17.95 12.86
CA CYS B 106 -12.83 17.03 11.74
C CYS B 106 -11.40 16.64 11.42
N GLY B 107 -10.43 17.51 11.67
CA GLY B 107 -9.04 17.15 11.46
C GLY B 107 -8.50 16.20 12.50
N ILE B 108 -8.96 16.33 13.75
CA ILE B 108 -8.60 15.33 14.76
C ILE B 108 -9.17 13.98 14.38
N ILE B 109 -10.44 13.95 13.96
CA ILE B 109 -11.05 12.70 13.54
C ILE B 109 -10.33 12.13 12.31
N LEU B 110 -9.86 13.02 11.43
CA LEU B 110 -9.18 12.56 10.22
C LEU B 110 -7.83 11.94 10.55
N MET B 111 -7.06 12.55 11.45
CA MET B 111 -5.78 11.95 11.79
C MET B 111 -5.98 10.64 12.56
N MET B 112 -7.08 10.53 13.32
CA MET B 112 -7.38 9.26 13.95
C MET B 112 -7.69 8.17 12.92
N VAL B 113 -8.53 8.49 11.92
CA VAL B 113 -8.81 7.47 10.91
C VAL B 113 -7.61 7.18 10.02
N PHE B 114 -6.71 8.15 9.82
CA PHE B 114 -5.50 7.88 9.06
C PHE B 114 -4.53 7.00 9.83
N LEU B 115 -4.50 7.12 11.15
CA LEU B 115 -3.61 6.26 11.93
C LEU B 115 -4.04 4.80 11.86
N HIS B 116 -5.34 4.54 11.76
CA HIS B 116 -5.89 3.19 11.81
C HIS B 116 -6.49 2.77 10.47
N LYS B 117 -5.86 3.19 9.38
CA LYS B 117 -6.45 3.03 8.06
C LYS B 117 -6.65 1.56 7.70
N HIS B 118 -5.58 0.76 7.79
CA HIS B 118 -5.67 -0.63 7.37
C HIS B 118 -6.55 -1.47 8.30
N GLU B 119 -6.63 -1.11 9.59
CA GLU B 119 -7.56 -1.77 10.48
C GLU B 119 -9.00 -1.48 10.07
N LEU B 120 -9.29 -0.23 9.70
CA LEU B 120 -10.63 0.11 9.24
C LEU B 120 -10.96 -0.56 7.92
N LEU B 121 -9.96 -0.80 7.08
CA LEU B 121 -10.21 -1.44 5.81
C LEU B 121 -10.26 -2.97 5.89
N THR B 122 -9.73 -3.57 6.95
CA THR B 122 -9.56 -5.02 6.91
C THR B 122 -10.19 -5.78 8.08
N MET B 123 -10.17 -5.24 9.30
CA MET B 123 -10.55 -6.05 10.45
C MET B 123 -11.67 -5.42 11.26
N TYR B 124 -12.65 -4.82 10.61
CA TYR B 124 -13.84 -4.31 11.29
C TYR B 124 -15.04 -4.51 10.39
N HIS B 125 -16.22 -4.47 11.00
CA HIS B 125 -17.45 -4.43 10.22
C HIS B 125 -17.51 -3.11 9.45
N GLY B 126 -18.14 -3.16 8.27
CA GLY B 126 -18.11 -2.01 7.40
C GLY B 126 -18.88 -0.81 7.92
N TRP B 127 -19.78 -1.03 8.88
CA TRP B 127 -20.54 0.09 9.42
C TRP B 127 -19.65 1.07 10.16
N VAL B 128 -18.49 0.63 10.66
CA VAL B 128 -17.58 1.54 11.34
C VAL B 128 -17.00 2.56 10.36
N LEU B 129 -16.51 2.07 9.22
CA LEU B 129 -16.00 2.99 8.21
C LEU B 129 -17.12 3.83 7.60
N THR B 130 -18.32 3.26 7.48
CA THR B 130 -19.43 4.05 6.98
C THR B 130 -19.80 5.18 7.94
N SER B 131 -19.77 4.91 9.24
CA SER B 131 -20.04 5.95 10.22
C SER B 131 -18.95 7.00 10.23
N CYS B 132 -17.69 6.60 10.00
CA CYS B 132 -16.63 7.60 9.89
C CYS B 132 -16.86 8.51 8.69
N TYR B 133 -17.28 7.92 7.56
CA TYR B 133 -17.59 8.74 6.39
C TYR B 133 -18.74 9.69 6.66
N ILE B 134 -19.78 9.21 7.36
CA ILE B 134 -20.93 10.05 7.62
C ILE B 134 -20.55 11.22 8.51
N LEU B 135 -19.77 10.94 9.56
CA LEU B 135 -19.36 11.99 10.47
C LEU B 135 -18.48 13.03 9.79
N ILE B 136 -17.56 12.56 8.94
CA ILE B 136 -16.67 13.49 8.25
C ILE B 136 -17.47 14.38 7.29
N ILE B 137 -18.37 13.78 6.52
CA ILE B 137 -19.15 14.55 5.54
C ILE B 137 -20.06 15.55 6.25
N THR B 138 -20.59 15.18 7.42
CA THR B 138 -21.47 16.11 8.14
C THR B 138 -20.70 17.30 8.69
N ILE B 139 -19.55 17.04 9.31
CA ILE B 139 -18.78 18.14 9.88
C ILE B 139 -18.24 19.04 8.78
N ALA B 140 -17.84 18.45 7.64
CA ALA B 140 -17.37 19.26 6.52
C ALA B 140 -18.50 20.10 5.93
N ASN B 141 -19.73 19.57 5.93
CA ASN B 141 -20.87 20.34 5.45
C ASN B 141 -21.13 21.53 6.36
N ILE B 142 -20.99 21.33 7.67
CA ILE B 142 -21.19 22.44 8.60
C ILE B 142 -20.11 23.51 8.40
N ALA B 143 -18.86 23.08 8.21
CA ALA B 143 -17.78 24.04 8.00
C ALA B 143 -17.96 24.80 6.70
N ASN B 144 -18.49 24.15 5.66
CA ASN B 144 -18.71 24.85 4.39
C ASN B 144 -19.85 25.85 4.49
N LEU B 145 -20.92 25.51 5.23
CA LEU B 145 -21.98 26.48 5.42
C LEU B 145 -21.48 27.69 6.21
N ALA B 146 -20.61 27.46 7.20
CA ALA B 146 -20.02 28.58 7.92
C ALA B 146 -19.11 29.42 7.04
N SER B 147 -18.38 28.77 6.12
CA SER B 147 -17.54 29.53 5.19
C SER B 147 -18.39 30.38 4.25
N THR B 148 -19.55 29.86 3.84
CA THR B 148 -20.43 30.64 2.98
C THR B 148 -20.99 31.84 3.73
N ALA B 149 -21.34 31.66 5.00
CA ALA B 149 -21.79 32.79 5.80
C ALA B 149 -20.69 33.83 5.96
N THR B 150 -19.45 33.38 6.15
CA THR B 150 -18.33 34.31 6.27
C THR B 150 -18.12 35.08 4.98
N ALA B 151 -18.17 34.37 3.85
CA ALA B 151 -17.95 35.03 2.57
C ALA B 151 -19.01 36.08 2.30
N ILE B 152 -20.27 35.76 2.62
CA ILE B 152 -21.33 36.74 2.43
C ILE B 152 -21.07 37.95 3.30
N THR B 153 -20.93 37.75 4.62
CA THR B 153 -20.87 38.89 5.54
C THR B 153 -19.62 39.74 5.33
N ILE B 154 -18.52 39.15 4.87
CA ILE B 154 -17.30 39.93 4.73
C ILE B 154 -17.15 40.52 3.34
N GLN B 155 -17.21 39.69 2.30
CA GLN B 155 -16.95 40.19 0.96
C GLN B 155 -18.14 40.86 0.31
N ARG B 156 -19.34 40.75 0.87
CA ARG B 156 -20.49 41.43 0.30
C ARG B 156 -21.06 42.52 1.20
N ASP B 157 -20.49 42.73 2.39
CA ASP B 157 -21.05 43.68 3.33
C ASP B 157 -19.96 44.52 3.98
N TRP B 158 -19.06 43.87 4.72
CA TRP B 158 -18.04 44.59 5.45
C TRP B 158 -17.13 45.39 4.52
N ILE B 159 -16.75 44.80 3.39
CA ILE B 159 -15.84 45.49 2.48
C ILE B 159 -16.50 46.69 1.83
N VAL B 160 -17.81 46.63 1.59
CA VAL B 160 -18.53 47.78 1.05
C VAL B 160 -18.61 48.90 2.06
N VAL B 161 -18.60 48.57 3.35
CA VAL B 161 -18.66 49.59 4.39
C VAL B 161 -17.28 50.19 4.63
N VAL B 162 -16.24 49.37 4.61
CA VAL B 162 -14.89 49.87 4.82
C VAL B 162 -14.48 50.79 3.69
N ALA B 163 -14.92 50.50 2.47
CA ALA B 163 -14.88 51.49 1.42
C ALA B 163 -15.95 52.54 1.68
N GLY B 164 -15.65 53.79 1.34
CA GLY B 164 -16.63 54.82 1.54
C GLY B 164 -17.66 54.80 0.44
N GLU B 165 -17.98 55.97 -0.09
CA GLU B 165 -18.70 56.03 -1.35
C GLU B 165 -17.78 55.79 -2.54
N ASP B 166 -16.47 55.78 -2.34
CA ASP B 166 -15.52 55.64 -3.44
C ASP B 166 -15.65 54.27 -4.08
N ARG B 167 -15.65 54.26 -5.42
CA ARG B 167 -15.74 53.02 -6.18
C ARG B 167 -14.39 52.48 -6.60
N SER B 168 -13.40 53.34 -6.83
CA SER B 168 -12.05 52.86 -7.13
C SER B 168 -11.45 52.12 -5.95
N LYS B 169 -11.75 52.57 -4.72
CA LYS B 169 -11.26 51.87 -3.55
C LYS B 169 -11.89 50.49 -3.41
N LEU B 170 -13.19 50.39 -3.68
CA LEU B 170 -13.86 49.10 -3.66
C LEU B 170 -13.30 48.18 -4.74
N ALA B 171 -13.01 48.74 -5.92
CA ALA B 171 -12.48 47.93 -7.00
C ALA B 171 -11.09 47.41 -6.67
N ASN B 172 -10.23 48.27 -6.12
CA ASN B 172 -8.89 47.83 -5.74
C ASN B 172 -8.94 46.79 -4.64
N MET B 173 -9.88 46.92 -3.71
CA MET B 173 -10.00 45.93 -2.65
C MET B 173 -10.46 44.58 -3.19
N ASN B 174 -11.45 44.59 -4.10
CA ASN B 174 -11.90 43.34 -4.70
C ASN B 174 -10.79 42.68 -5.49
N ALA B 175 -10.01 43.47 -6.23
CA ALA B 175 -8.92 42.92 -7.02
C ALA B 175 -7.83 42.33 -6.14
N THR B 176 -7.54 42.99 -5.01
CA THR B 176 -6.54 42.45 -4.10
C THR B 176 -7.03 41.15 -3.45
N ILE B 177 -8.31 41.07 -3.13
CA ILE B 177 -8.85 39.83 -2.56
C ILE B 177 -8.72 38.70 -3.58
N ARG B 178 -9.02 39.00 -4.84
CA ARG B 178 -8.90 37.98 -5.87
C ARG B 178 -7.46 37.55 -6.08
N ARG B 179 -6.52 38.48 -6.02
CA ARG B 179 -5.11 38.10 -6.14
C ARG B 179 -4.67 37.22 -4.98
N ILE B 180 -5.18 37.50 -3.78
CA ILE B 180 -4.83 36.69 -2.63
C ILE B 180 -5.30 35.26 -2.83
N ASP B 181 -6.57 35.08 -3.22
CA ASP B 181 -7.01 33.71 -3.44
C ASP B 181 -6.37 33.06 -4.66
N GLN B 182 -6.00 33.84 -5.69
CA GLN B 182 -5.30 33.25 -6.83
C GLN B 182 -3.95 32.71 -6.44
N LEU B 183 -3.24 33.40 -5.55
CA LEU B 183 -1.95 32.88 -5.09
C LEU B 183 -2.15 31.69 -4.15
N THR B 184 -3.14 31.77 -3.26
CA THR B 184 -3.35 30.68 -2.32
C THR B 184 -3.75 29.39 -3.02
N ASN B 185 -4.49 29.50 -4.14
CA ASN B 185 -4.98 28.30 -4.82
C ASN B 185 -3.84 27.41 -5.31
N ILE B 186 -2.70 28.00 -5.66
CA ILE B 186 -1.55 27.17 -6.04
C ILE B 186 -0.63 26.92 -4.86
N LEU B 187 -0.48 27.89 -3.95
CA LEU B 187 0.57 27.73 -2.94
C LEU B 187 0.16 26.78 -1.82
N ALA B 188 -1.07 26.87 -1.33
CA ALA B 188 -1.47 26.03 -0.20
C ALA B 188 -1.39 24.54 -0.50
N PRO B 189 -1.92 24.03 -1.62
CA PRO B 189 -1.78 22.59 -1.88
C PRO B 189 -0.34 22.11 -1.95
N MET B 190 0.57 22.93 -2.47
CA MET B 190 1.98 22.54 -2.52
C MET B 190 2.52 22.33 -1.12
N ALA B 191 2.24 23.26 -0.21
CA ALA B 191 2.78 23.16 1.14
C ALA B 191 2.18 21.97 1.88
N VAL B 192 0.87 21.80 1.79
CA VAL B 192 0.27 20.68 2.53
C VAL B 192 0.72 19.34 1.94
N GLY B 193 0.95 19.26 0.63
CA GLY B 193 1.43 18.01 0.07
C GLY B 193 2.87 17.72 0.46
N GLN B 194 3.70 18.76 0.52
CA GLN B 194 5.07 18.55 1.01
C GLN B 194 5.08 18.13 2.46
N ILE B 195 4.16 18.67 3.26
CA ILE B 195 4.05 18.21 4.65
C ILE B 195 3.58 16.77 4.71
N MET B 196 2.74 16.35 3.77
CA MET B 196 2.25 14.98 3.78
C MET B 196 3.23 13.98 3.19
N THR B 197 4.27 14.43 2.49
CA THR B 197 5.33 13.53 2.05
C THR B 197 6.53 13.55 3.01
N PHE B 198 7.00 14.74 3.38
CA PHE B 198 8.09 14.82 4.34
C PHE B 198 7.71 14.25 5.69
N GLY B 199 6.41 14.24 6.01
CA GLY B 199 5.92 13.61 7.20
C GLY B 199 4.92 12.52 6.88
N SER B 200 3.72 12.63 7.46
CA SER B 200 2.65 11.67 7.26
C SER B 200 1.36 12.44 7.04
N PRO B 201 0.35 11.83 6.43
CA PRO B 201 -0.97 12.45 6.42
C PRO B 201 -1.50 12.72 7.82
N VAL B 202 -1.15 11.88 8.80
CA VAL B 202 -1.48 12.19 10.19
C VAL B 202 -0.81 13.49 10.61
N ILE B 203 0.44 13.68 10.20
CA ILE B 203 1.15 14.92 10.53
C ILE B 203 0.48 16.11 9.87
N GLY B 204 -0.01 15.94 8.65
CA GLY B 204 -0.67 17.04 7.98
C GLY B 204 -2.01 17.39 8.60
N CYS B 205 -2.76 16.38 9.04
CA CYS B 205 -4.03 16.65 9.70
C CYS B 205 -3.82 17.34 11.04
N GLY B 206 -2.79 16.94 11.78
CA GLY B 206 -2.51 17.64 13.02
C GLY B 206 -2.03 19.05 12.80
N PHE B 207 -1.23 19.27 11.74
CA PHE B 207 -0.80 20.63 11.42
C PHE B 207 -1.99 21.50 11.01
N ILE B 208 -2.95 20.93 10.29
CA ILE B 208 -4.12 21.71 9.88
C ILE B 208 -4.98 22.06 11.08
N SER B 209 -5.11 21.13 12.03
CA SER B 209 -5.87 21.43 13.25
C SER B 209 -5.20 22.52 14.07
N GLY B 210 -3.87 22.46 14.20
CA GLY B 210 -3.18 23.50 14.96
C GLY B 210 -3.20 24.85 14.27
N TRP B 211 -3.09 24.83 12.94
CA TRP B 211 -3.17 26.08 12.18
C TRP B 211 -4.53 26.73 12.36
N ASN B 212 -5.60 25.94 12.29
CA ASN B 212 -6.91 26.53 12.51
C ASN B 212 -7.08 27.01 13.93
N LEU B 213 -6.51 26.30 14.90
CA LEU B 213 -6.64 26.73 16.30
C LEU B 213 -5.95 28.05 16.55
N VAL B 214 -4.83 28.32 15.89
CA VAL B 214 -4.16 29.61 16.12
C VAL B 214 -4.78 30.70 15.25
N SER B 215 -5.11 30.36 14.01
CA SER B 215 -5.68 31.34 13.10
C SER B 215 -7.05 31.81 13.57
N MET B 216 -7.80 30.97 14.30
CA MET B 216 -9.09 31.42 14.81
C MET B 216 -8.93 32.58 15.78
N CYS B 217 -7.96 32.48 16.69
CA CYS B 217 -7.74 33.56 17.64
C CYS B 217 -7.22 34.81 16.93
N VAL B 218 -6.30 34.63 15.98
CA VAL B 218 -5.74 35.80 15.30
C VAL B 218 -6.82 36.51 14.50
N GLU B 219 -7.63 35.76 13.76
CA GLU B 219 -8.69 36.36 12.95
C GLU B 219 -9.80 36.95 13.82
N TYR B 220 -10.04 36.38 15.01
CA TYR B 220 -11.00 36.95 15.94
C TYR B 220 -10.57 38.35 16.37
N VAL B 221 -9.31 38.48 16.78
CA VAL B 221 -8.81 39.78 17.18
C VAL B 221 -8.79 40.73 15.98
N LEU B 222 -8.49 40.21 14.78
CA LEU B 222 -8.44 41.07 13.60
C LEU B 222 -9.81 41.62 13.25
N LEU B 223 -10.85 40.78 13.33
CA LEU B 223 -12.21 41.25 13.08
C LEU B 223 -12.61 42.30 14.10
N TRP B 224 -12.23 42.09 15.36
CA TRP B 224 -12.57 43.10 16.36
C TRP B 224 -11.87 44.42 16.10
N LYS B 225 -10.61 44.38 15.63
CA LYS B 225 -9.90 45.62 15.34
C LYS B 225 -10.50 46.35 14.14
N VAL B 226 -10.90 45.60 13.11
CA VAL B 226 -11.56 46.24 11.98
C VAL B 226 -12.88 46.85 12.41
N TYR B 227 -13.60 46.19 13.32
CA TYR B 227 -14.84 46.76 13.83
C TYR B 227 -14.58 48.02 14.63
N GLN B 228 -13.48 48.07 15.37
CA GLN B 228 -13.15 49.27 16.13
C GLN B 228 -12.76 50.43 15.23
N LYS B 229 -12.07 50.16 14.12
CA LYS B 229 -11.61 51.24 13.27
C LYS B 229 -12.66 51.72 12.28
N THR B 230 -13.82 51.09 12.21
CA THR B 230 -14.85 51.39 11.22
C THR B 230 -16.18 51.59 11.94
N PRO B 231 -16.42 52.78 12.47
CA PRO B 231 -17.66 53.01 13.23
C PRO B 231 -18.93 52.74 12.44
N ALA B 232 -18.89 52.96 11.12
CA ALA B 232 -20.07 52.73 10.29
C ALA B 232 -20.51 51.27 10.31
N LEU B 233 -19.62 50.34 10.64
CA LEU B 233 -20.01 48.94 10.77
C LEU B 233 -21.02 48.74 11.90
N ALA B 234 -21.06 49.64 12.87
CA ALA B 234 -21.98 49.52 14.00
C ALA B 234 -23.38 50.04 13.68
N VAL B 235 -23.60 50.55 12.47
CA VAL B 235 -24.86 51.19 12.10
C VAL B 235 -25.47 50.37 10.96
N LYS B 236 -26.25 49.36 11.31
CA LYS B 236 -27.04 48.64 10.31
C LYS B 236 -28.28 49.43 9.95
N ALA B 237 -28.76 49.24 8.72
CA ALA B 237 -29.86 50.06 8.21
C ALA B 237 -31.16 49.82 8.98
N GLY B 238 -31.34 48.61 9.52
CA GLY B 238 -32.57 48.29 10.22
C GLY B 238 -32.38 47.34 11.39
N ALA B 289 -44.57 27.61 8.15
CA ALA B 289 -43.27 27.75 8.77
C ALA B 289 -42.54 29.00 8.26
N GLU B 290 -41.96 29.75 9.19
CA GLU B 290 -41.20 30.93 8.83
C GLU B 290 -40.06 30.66 7.86
N PRO B 291 -39.21 29.64 8.05
CA PRO B 291 -38.10 29.44 7.09
C PRO B 291 -38.53 29.24 5.66
N PHE B 292 -39.65 28.57 5.42
CA PHE B 292 -40.12 28.42 4.04
C PHE B 292 -40.54 29.76 3.45
N ARG B 293 -41.19 30.60 4.25
CA ARG B 293 -41.56 31.92 3.76
C ARG B 293 -40.33 32.76 3.46
N THR B 294 -39.29 32.64 4.29
CA THR B 294 -38.06 33.38 4.02
C THR B 294 -37.38 32.86 2.75
N PHE B 295 -37.41 31.56 2.52
CA PHE B 295 -36.81 30.99 1.33
C PHE B 295 -37.52 31.49 0.07
N ARG B 296 -38.85 31.41 0.07
CA ARG B 296 -39.62 31.85 -1.08
C ARG B 296 -39.47 33.35 -1.31
N ASP B 297 -39.52 34.14 -0.24
CA ASP B 297 -39.38 35.58 -0.37
C ASP B 297 -38.01 35.96 -0.89
N GLY B 298 -36.97 35.24 -0.47
CA GLY B 298 -35.63 35.55 -0.94
C GLY B 298 -35.44 35.21 -2.41
N TRP B 299 -36.00 34.09 -2.85
CA TRP B 299 -35.86 33.76 -4.27
C TRP B 299 -36.67 34.71 -5.14
N VAL B 300 -37.87 35.08 -4.71
CA VAL B 300 -38.65 36.04 -5.49
C VAL B 300 -37.99 37.41 -5.47
N SER B 301 -37.35 37.79 -4.36
CA SER B 301 -36.62 39.06 -4.33
C SER B 301 -35.41 39.03 -5.23
N TYR B 302 -34.76 37.86 -5.37
CA TYR B 302 -33.63 37.72 -6.26
C TYR B 302 -34.04 37.80 -7.72
N TYR B 303 -35.19 37.23 -8.07
CA TYR B 303 -35.65 37.27 -9.45
C TYR B 303 -35.97 38.68 -9.92
N ASN B 304 -36.36 39.57 -9.00
CA ASN B 304 -36.80 40.92 -9.34
C ASN B 304 -35.70 41.96 -9.21
N GLN B 305 -34.48 41.55 -8.91
CA GLN B 305 -33.38 42.50 -8.87
C GLN B 305 -33.02 42.98 -10.28
N PRO B 306 -32.63 44.24 -10.43
CA PRO B 306 -32.16 44.72 -11.74
C PRO B 306 -30.96 43.95 -12.28
N VAL B 307 -30.09 43.46 -11.40
CA VAL B 307 -28.85 42.81 -11.81
C VAL B 307 -29.03 41.31 -11.91
N PHE B 308 -30.28 40.86 -12.01
CA PHE B 308 -30.57 39.42 -11.93
C PHE B 308 -29.93 38.65 -13.08
N LEU B 309 -29.96 39.20 -14.29
CA LEU B 309 -29.38 38.49 -15.42
C LEU B 309 -27.86 38.41 -15.34
N ALA B 310 -27.22 39.43 -14.78
CA ALA B 310 -25.77 39.37 -14.60
C ALA B 310 -25.38 38.29 -13.62
N GLY B 311 -26.15 38.14 -12.54
CA GLY B 311 -25.87 37.07 -11.60
C GLY B 311 -26.16 35.70 -12.19
N MET B 312 -27.19 35.61 -13.02
CA MET B 312 -27.45 34.34 -13.70
C MET B 312 -26.31 33.96 -14.62
N GLY B 313 -25.71 34.93 -15.31
CA GLY B 313 -24.59 34.61 -16.17
C GLY B 313 -23.35 34.23 -15.38
N LEU B 314 -23.13 34.89 -14.25
CA LEU B 314 -22.01 34.51 -13.40
C LEU B 314 -22.20 33.09 -12.86
N ALA B 315 -23.44 32.72 -12.52
CA ALA B 315 -23.69 31.36 -12.05
C ALA B 315 -23.52 30.35 -13.17
N PHE B 316 -23.88 30.73 -14.40
CA PHE B 316 -23.69 29.84 -15.54
C PHE B 316 -22.22 29.61 -15.84
N LEU B 317 -21.36 30.55 -15.45
CA LEU B 317 -19.92 30.34 -15.65
C LEU B 317 -19.37 29.17 -14.84
N TYR B 318 -20.04 28.74 -13.77
CA TYR B 318 -19.54 27.63 -12.95
C TYR B 318 -19.73 26.27 -13.61
N MET B 319 -20.55 26.18 -14.64
CA MET B 319 -20.84 24.91 -15.32
C MET B 319 -19.77 24.71 -16.40
N THR B 320 -18.57 24.32 -15.97
CA THR B 320 -17.44 24.32 -16.88
C THR B 320 -16.45 23.24 -16.46
N VAL B 321 -15.68 22.77 -17.45
CA VAL B 321 -14.62 21.81 -17.23
C VAL B 321 -13.24 22.39 -17.51
N LEU B 322 -13.17 23.63 -17.99
CA LEU B 322 -11.94 24.18 -18.56
C LEU B 322 -11.13 24.91 -17.49
N GLY B 323 -10.55 24.12 -16.59
CA GLY B 323 -9.69 24.66 -15.55
C GLY B 323 -8.83 23.57 -14.98
N PHE B 324 -7.82 23.99 -14.24
CA PHE B 324 -6.86 23.05 -13.65
C PHE B 324 -7.35 22.44 -12.34
N ASP B 325 -8.51 22.88 -11.84
CA ASP B 325 -9.14 22.25 -10.69
C ASP B 325 -10.03 21.08 -11.08
N CYS B 326 -10.15 20.79 -12.37
CA CYS B 326 -11.09 19.76 -12.84
C CYS B 326 -10.30 18.61 -13.47
N ILE B 327 -10.97 17.89 -14.37
CA ILE B 327 -10.42 16.65 -14.92
C ILE B 327 -9.46 16.88 -16.08
N THR B 328 -9.16 18.13 -16.41
CA THR B 328 -8.18 18.41 -17.45
C THR B 328 -6.80 17.91 -17.07
N THR B 329 -6.52 17.79 -15.76
CA THR B 329 -5.21 17.32 -15.33
C THR B 329 -4.99 15.84 -15.70
N GLY B 330 -5.99 15.00 -15.45
CA GLY B 330 -5.86 13.60 -15.84
C GLY B 330 -5.85 13.43 -17.34
N TYR B 331 -6.57 14.29 -18.06
CA TYR B 331 -6.51 14.27 -19.51
C TYR B 331 -5.11 14.63 -20.00
N ALA B 332 -4.47 15.60 -19.34
CA ALA B 332 -3.10 15.96 -19.71
C ALA B 332 -2.12 14.85 -19.40
N TYR B 333 -2.36 14.09 -18.33
CA TYR B 333 -1.54 12.90 -18.10
C TYR B 333 -1.78 11.86 -19.19
N THR B 334 -3.01 11.73 -19.65
CA THR B 334 -3.32 10.77 -20.71
C THR B 334 -2.67 11.17 -22.03
N GLN B 335 -2.49 12.47 -22.27
CA GLN B 335 -1.97 12.96 -23.53
C GLN B 335 -0.44 13.01 -23.56
N GLY B 336 0.22 12.45 -22.55
CA GLY B 336 1.65 12.32 -22.55
C GLY B 336 2.43 13.39 -21.80
N LEU B 337 1.76 14.44 -21.34
CA LEU B 337 2.44 15.43 -20.52
C LEU B 337 2.71 14.88 -19.13
N SER B 338 3.76 15.41 -18.50
CA SER B 338 4.16 14.99 -17.16
C SER B 338 3.79 16.05 -16.14
N GLY B 339 4.03 15.74 -14.87
CA GLY B 339 3.57 16.60 -13.79
C GLY B 339 4.29 17.94 -13.72
N SER B 340 5.54 17.99 -14.16
CA SER B 340 6.26 19.26 -14.16
C SER B 340 5.64 20.23 -15.16
N ILE B 341 5.25 19.73 -16.33
CA ILE B 341 4.57 20.58 -17.30
C ILE B 341 3.21 21.02 -16.74
N LEU B 342 2.56 20.15 -15.98
CA LEU B 342 1.28 20.51 -15.39
C LEU B 342 1.44 21.62 -14.36
N SER B 343 2.51 21.58 -13.58
CA SER B 343 2.76 22.65 -12.63
C SER B 343 3.10 23.96 -13.35
N ILE B 344 3.85 23.88 -14.44
CA ILE B 344 4.16 25.08 -15.20
C ILE B 344 2.88 25.69 -15.76
N LEU B 345 1.96 24.84 -16.21
CA LEU B 345 0.71 25.35 -16.78
C LEU B 345 -0.18 25.96 -15.71
N MET B 346 -0.22 25.35 -14.52
CA MET B 346 -1.00 25.93 -13.43
C MET B 346 -0.43 27.27 -12.99
N GLY B 347 0.91 27.40 -13.02
CA GLY B 347 1.49 28.69 -12.68
C GLY B 347 1.17 29.76 -13.71
N ALA B 348 1.18 29.37 -14.99
CA ALA B 348 0.77 30.32 -16.02
C ALA B 348 -0.70 30.69 -15.89
N SER B 349 -1.53 29.75 -15.43
CA SER B 349 -2.94 30.05 -15.23
C SER B 349 -3.14 31.06 -14.11
N ALA B 350 -2.40 30.90 -13.01
CA ALA B 350 -2.48 31.87 -11.93
C ALA B 350 -1.98 33.24 -12.38
N ILE B 351 -0.94 33.26 -13.23
CA ILE B 351 -0.44 34.52 -13.75
C ILE B 351 -1.50 35.21 -14.59
N THR B 352 -2.21 34.45 -15.42
CA THR B 352 -3.25 35.07 -16.24
C THR B 352 -4.43 35.54 -15.41
N GLY B 353 -4.72 34.88 -14.29
CA GLY B 353 -5.76 35.39 -13.41
C GLY B 353 -5.39 36.70 -12.76
N ILE B 354 -4.14 36.84 -12.35
CA ILE B 354 -3.69 38.12 -11.81
C ILE B 354 -3.73 39.20 -12.89
N MET B 355 -3.38 38.84 -14.13
CA MET B 355 -3.50 39.78 -15.23
C MET B 355 -4.95 40.17 -15.47
N GLY B 356 -5.89 39.24 -15.23
CA GLY B 356 -7.30 39.58 -15.36
C GLY B 356 -7.76 40.56 -14.31
N THR B 357 -7.24 40.44 -13.09
CA THR B 357 -7.57 41.45 -12.08
C THR B 357 -7.06 42.82 -12.47
N VAL B 358 -5.83 42.89 -13.00
CA VAL B 358 -5.29 44.18 -13.42
C VAL B 358 -6.11 44.76 -14.56
N ALA B 359 -6.51 43.89 -15.51
CA ALA B 359 -7.34 44.35 -16.62
C ALA B 359 -8.70 44.83 -16.14
N PHE B 360 -9.24 44.22 -15.09
CA PHE B 360 -10.51 44.70 -14.57
C PHE B 360 -10.38 46.10 -14.02
N THR B 361 -9.34 46.36 -13.22
CA THR B 361 -9.22 47.71 -12.67
C THR B 361 -9.02 48.75 -13.78
N TRP B 362 -8.21 48.41 -14.80
CA TRP B 362 -7.96 49.36 -15.87
C TRP B 362 -9.22 49.62 -16.69
N LEU B 363 -9.91 48.56 -17.11
CA LEU B 363 -11.11 48.73 -17.91
C LEU B 363 -12.23 49.42 -17.14
N ARG B 364 -12.34 49.16 -15.84
CA ARG B 364 -13.36 49.85 -15.05
C ARG B 364 -13.05 51.33 -14.93
N ARG B 365 -11.76 51.69 -14.82
CA ARG B 365 -11.41 53.10 -14.84
C ARG B 365 -11.73 53.72 -16.21
N LYS B 366 -11.62 52.93 -17.27
CA LYS B 366 -11.77 53.46 -18.62
C LYS B 366 -13.21 53.42 -19.12
N CYS B 367 -13.71 52.23 -19.44
CA CYS B 367 -15.02 52.06 -20.07
C CYS B 367 -16.18 52.06 -19.09
N GLY B 368 -15.91 51.97 -17.79
CA GLY B 368 -16.97 51.76 -16.82
C GLY B 368 -17.25 50.28 -16.58
N LEU B 369 -18.11 50.03 -15.59
CA LEU B 369 -18.30 48.67 -15.08
C LEU B 369 -19.08 47.81 -16.08
N VAL B 370 -20.22 48.31 -16.55
CA VAL B 370 -21.11 47.53 -17.39
C VAL B 370 -20.46 47.16 -18.72
N ARG B 371 -19.64 48.05 -19.29
CA ARG B 371 -18.91 47.72 -20.49
C ARG B 371 -17.68 46.87 -20.20
N THR B 372 -17.12 46.97 -19.00
CA THR B 372 -16.05 46.07 -18.62
C THR B 372 -16.51 44.63 -18.61
N GLY B 373 -17.77 44.40 -18.23
CA GLY B 373 -18.30 43.06 -18.28
C GLY B 373 -18.42 42.52 -19.70
N LEU B 374 -18.84 43.38 -20.63
CA LEU B 374 -18.94 42.97 -22.03
C LEU B 374 -17.58 42.65 -22.62
N ILE B 375 -16.60 43.51 -22.35
CA ILE B 375 -15.26 43.29 -22.89
C ILE B 375 -14.64 42.02 -22.30
N SER B 376 -14.90 41.76 -21.02
CA SER B 376 -14.36 40.56 -20.40
C SER B 376 -15.00 39.30 -20.97
N GLY B 377 -16.31 39.33 -21.22
CA GLY B 377 -16.94 38.17 -21.81
C GLY B 377 -16.49 37.92 -23.24
N LEU B 378 -16.28 38.99 -23.99
CA LEU B 378 -15.75 38.83 -25.35
C LEU B 378 -14.37 38.22 -25.32
N ALA B 379 -13.52 38.65 -24.38
CA ALA B 379 -12.17 38.09 -24.29
C ALA B 379 -12.21 36.62 -23.91
N GLN B 380 -13.10 36.24 -22.99
CA GLN B 380 -13.16 34.85 -22.58
C GLN B 380 -13.64 33.94 -23.71
N LEU B 381 -14.67 34.36 -24.44
CA LEU B 381 -15.13 33.54 -25.56
C LEU B 381 -14.08 33.48 -26.68
N SER B 382 -13.37 34.59 -26.90
CA SER B 382 -12.33 34.60 -27.92
C SER B 382 -11.22 33.63 -27.58
N CYS B 383 -10.93 33.46 -26.29
CA CYS B 383 -9.92 32.49 -25.93
C CYS B 383 -10.44 31.05 -25.92
N LEU B 384 -11.72 30.84 -25.63
CA LEU B 384 -12.28 29.50 -25.66
C LEU B 384 -12.49 28.97 -27.08
N ILE B 385 -12.46 29.86 -28.08
CA ILE B 385 -12.50 29.38 -29.46
C ILE B 385 -11.33 28.45 -29.74
N LEU B 386 -10.18 28.68 -29.10
CA LEU B 386 -9.04 27.80 -29.32
C LEU B 386 -9.31 26.40 -28.81
N CYS B 387 -10.00 26.26 -27.68
CA CYS B 387 -10.36 24.94 -27.19
C CYS B 387 -11.37 24.28 -28.13
N VAL B 388 -12.32 25.06 -28.63
CA VAL B 388 -13.32 24.50 -29.54
C VAL B 388 -12.66 23.98 -30.80
N ILE B 389 -11.61 24.68 -31.27
CA ILE B 389 -10.88 24.20 -32.44
C ILE B 389 -10.02 23.00 -32.08
N SER B 390 -9.43 22.99 -30.88
CA SER B 390 -8.56 21.90 -30.49
C SER B 390 -9.29 20.57 -30.40
N VAL B 391 -10.58 20.59 -30.09
CA VAL B 391 -11.30 19.31 -30.06
C VAL B 391 -11.43 18.69 -31.44
N PHE B 392 -11.36 19.49 -32.51
CA PHE B 392 -11.53 19.01 -33.88
C PHE B 392 -10.20 18.97 -34.64
N MET B 393 -9.13 18.55 -33.98
CA MET B 393 -7.79 18.63 -34.53
C MET B 393 -7.10 17.28 -34.41
N PRO B 394 -6.12 17.01 -35.27
CA PRO B 394 -5.43 15.71 -35.21
C PRO B 394 -4.74 15.51 -33.88
N GLY B 395 -4.75 14.27 -33.40
CA GLY B 395 -4.32 13.96 -32.06
C GLY B 395 -5.41 14.06 -31.01
N SER B 396 -6.62 14.49 -31.41
CA SER B 396 -7.76 14.50 -30.50
C SER B 396 -8.31 13.09 -30.32
N PRO B 397 -8.55 12.65 -29.09
CA PRO B 397 -9.15 11.32 -28.91
C PRO B 397 -10.67 11.33 -28.96
N LEU B 398 -11.25 12.39 -29.53
CA LEU B 398 -12.70 12.53 -29.59
C LEU B 398 -13.35 11.41 -30.40
N PRO B 451 -0.14 13.40 -31.29
CA PRO B 451 0.42 14.70 -31.67
C PRO B 451 0.15 15.79 -30.64
N ILE B 452 1.08 16.74 -30.55
CA ILE B 452 0.99 17.79 -29.52
C ILE B 452 0.06 18.93 -29.89
N ILE B 453 -0.42 18.98 -31.13
CA ILE B 453 -1.10 20.19 -31.58
C ILE B 453 -2.44 20.39 -30.88
N SER B 454 -3.09 19.32 -30.44
CA SER B 454 -4.41 19.48 -29.82
C SER B 454 -4.30 20.01 -28.39
N VAL B 455 -3.46 19.38 -27.57
CA VAL B 455 -3.31 19.82 -26.18
C VAL B 455 -2.71 21.22 -26.12
N SER B 456 -1.88 21.58 -27.09
CA SER B 456 -1.30 22.90 -27.12
C SER B 456 -2.39 23.96 -27.24
N LEU B 457 -3.28 23.81 -28.22
CA LEU B 457 -4.37 24.76 -28.37
C LEU B 457 -5.35 24.71 -27.20
N LEU B 458 -5.59 23.52 -26.64
CA LEU B 458 -6.54 23.45 -25.53
C LEU B 458 -6.03 24.22 -24.32
N PHE B 459 -4.81 23.91 -23.87
CA PHE B 459 -4.27 24.60 -22.72
C PHE B 459 -3.97 26.07 -23.00
N ALA B 460 -3.64 26.41 -24.25
CA ALA B 460 -3.47 27.82 -24.59
C ALA B 460 -4.78 28.57 -24.42
N GLY B 461 -5.90 27.97 -24.84
CA GLY B 461 -7.17 28.63 -24.68
C GLY B 461 -7.59 28.73 -23.23
N VAL B 462 -7.30 27.71 -22.43
CA VAL B 462 -7.66 27.77 -21.01
C VAL B 462 -6.89 28.88 -20.31
N ILE B 463 -5.57 28.88 -20.47
CA ILE B 463 -4.73 29.86 -19.80
C ILE B 463 -5.07 31.26 -20.29
N ALA B 464 -5.39 31.41 -21.58
CA ALA B 464 -5.73 32.73 -22.08
C ALA B 464 -7.10 33.19 -21.59
N ALA B 465 -8.05 32.26 -21.42
CA ALA B 465 -9.40 32.63 -21.00
C ALA B 465 -9.49 32.98 -19.52
N ARG B 466 -8.47 32.62 -18.73
CA ARG B 466 -8.48 33.01 -17.32
C ARG B 466 -8.59 34.53 -17.15
N ILE B 467 -8.01 35.30 -18.06
CA ILE B 467 -8.00 36.76 -17.94
C ILE B 467 -9.42 37.32 -17.96
N GLY B 468 -10.17 36.97 -19.01
CA GLY B 468 -11.53 37.46 -19.12
C GLY B 468 -12.45 36.84 -18.10
N LEU B 469 -12.17 35.61 -17.68
CA LEU B 469 -13.00 35.00 -16.65
C LEU B 469 -12.93 35.79 -15.35
N TRP B 470 -11.72 36.08 -14.88
CA TRP B 470 -11.62 36.81 -13.63
C TRP B 470 -12.02 38.27 -13.76
N SER B 471 -11.82 38.88 -14.93
CA SER B 471 -12.32 40.24 -15.10
C SER B 471 -13.84 40.29 -15.02
N PHE B 472 -14.52 39.33 -15.66
CA PHE B 472 -15.99 39.30 -15.61
C PHE B 472 -16.49 38.98 -14.20
N ASP B 473 -15.76 38.13 -13.46
CA ASP B 473 -16.17 37.83 -12.09
C ASP B 473 -16.06 39.06 -11.20
N LEU B 474 -14.97 39.83 -11.35
CA LEU B 474 -14.84 41.06 -10.59
C LEU B 474 -15.94 42.05 -10.96
N THR B 475 -16.33 42.07 -12.23
CA THR B 475 -17.38 42.99 -12.68
C THR B 475 -18.71 42.65 -12.03
N VAL B 476 -19.11 41.38 -12.09
CA VAL B 476 -20.40 41.02 -11.51
C VAL B 476 -20.39 41.18 -10.00
N THR B 477 -19.24 40.95 -9.36
CA THR B 477 -19.16 41.16 -7.92
C THR B 477 -19.41 42.63 -7.57
N GLN B 478 -18.72 43.54 -8.27
CA GLN B 478 -18.93 44.95 -7.98
C GLN B 478 -20.34 45.41 -8.34
N LEU B 479 -20.95 44.82 -9.38
CA LEU B 479 -22.34 45.17 -9.67
C LEU B 479 -23.26 44.75 -8.53
N LEU B 480 -23.05 43.56 -7.99
CA LEU B 480 -23.90 43.10 -6.89
C LEU B 480 -23.71 43.98 -5.66
N GLN B 481 -22.47 44.38 -5.37
CA GLN B 481 -22.29 45.17 -4.16
C GLN B 481 -22.54 46.66 -4.36
N GLU B 482 -22.72 47.12 -5.59
CA GLU B 482 -23.11 48.51 -5.81
C GLU B 482 -24.61 48.70 -5.97
N ASN B 483 -25.33 47.70 -6.50
CA ASN B 483 -26.71 47.91 -6.89
C ASN B 483 -27.75 47.25 -5.99
N VAL B 484 -27.33 46.51 -4.98
CA VAL B 484 -28.26 45.83 -4.08
C VAL B 484 -28.50 46.70 -2.86
N ILE B 485 -29.77 46.75 -2.42
CA ILE B 485 -30.12 47.51 -1.23
C ILE B 485 -29.40 46.93 -0.02
N GLU B 486 -28.94 47.82 0.88
CA GLU B 486 -28.15 47.36 2.01
C GLU B 486 -28.93 46.41 2.90
N SER B 487 -30.21 46.70 3.15
CA SER B 487 -31.01 45.83 4.00
C SER B 487 -31.21 44.45 3.38
N GLU B 488 -31.04 44.33 2.07
CA GLU B 488 -31.16 43.06 1.37
C GLU B 488 -29.80 42.43 1.06
N ARG B 489 -28.70 42.99 1.57
CA ARG B 489 -27.38 42.57 1.09
C ARG B 489 -27.13 41.09 1.35
N GLY B 490 -27.61 40.58 2.48
CA GLY B 490 -27.32 39.20 2.82
C GLY B 490 -28.13 38.23 2.00
N ILE B 491 -29.46 38.31 2.10
CA ILE B 491 -30.31 37.27 1.55
C ILE B 491 -30.12 37.16 0.05
N ILE B 492 -30.00 38.30 -0.64
CA ILE B 492 -29.78 38.27 -2.08
C ILE B 492 -28.51 37.50 -2.39
N ASN B 493 -27.41 37.86 -1.71
CA ASN B 493 -26.16 37.18 -1.97
C ASN B 493 -26.24 35.71 -1.57
N GLY B 494 -27.05 35.39 -0.57
CA GLY B 494 -27.24 33.99 -0.24
C GLY B 494 -27.85 33.23 -1.40
N VAL B 495 -28.89 33.81 -2.01
CA VAL B 495 -29.47 33.16 -3.16
C VAL B 495 -28.46 33.09 -4.29
N GLN B 496 -27.59 34.10 -4.40
CA GLN B 496 -26.58 34.05 -5.44
C GLN B 496 -25.66 32.86 -5.23
N ASN B 497 -25.30 32.58 -3.96
CA ASN B 497 -24.51 31.39 -3.69
C ASN B 497 -25.29 30.14 -4.07
N SER B 498 -26.59 30.13 -3.75
CA SER B 498 -27.41 28.98 -4.09
C SER B 498 -27.43 28.76 -5.60
N MET B 499 -27.28 29.84 -6.38
CA MET B 499 -27.22 29.66 -7.81
C MET B 499 -25.88 29.09 -8.23
N ASN B 500 -24.78 29.62 -7.68
CA ASN B 500 -23.46 29.20 -8.12
C ASN B 500 -23.28 27.70 -7.88
N TYR B 501 -23.56 27.27 -6.66
CA TYR B 501 -23.44 25.85 -6.34
C TYR B 501 -24.34 25.01 -7.22
N LEU B 502 -25.53 25.53 -7.58
CA LEU B 502 -26.42 24.74 -8.40
C LEU B 502 -25.81 24.44 -9.75
N LEU B 503 -25.03 25.37 -10.31
CA LEU B 503 -24.39 25.06 -11.57
C LEU B 503 -23.04 24.41 -11.37
N ASP B 504 -22.48 24.48 -10.17
CA ASP B 504 -21.28 23.71 -9.88
C ASP B 504 -21.63 22.24 -9.72
N LEU B 505 -22.72 21.94 -8.99
CA LEU B 505 -23.12 20.56 -8.78
C LEU B 505 -23.46 19.88 -10.10
N LEU B 506 -24.07 20.61 -11.03
CA LEU B 506 -24.34 20.04 -12.33
C LEU B 506 -23.05 19.61 -13.01
N HIS B 507 -22.02 20.46 -12.97
CA HIS B 507 -20.74 20.04 -13.53
C HIS B 507 -20.20 18.83 -12.79
N PHE B 508 -20.40 18.81 -11.47
CA PHE B 508 -19.90 17.69 -10.67
C PHE B 508 -20.59 16.40 -11.08
N ILE B 509 -21.82 16.48 -11.57
CA ILE B 509 -22.48 15.28 -12.06
C ILE B 509 -21.93 14.90 -13.42
N MET B 510 -21.78 15.89 -14.31
CA MET B 510 -21.44 15.58 -15.70
C MET B 510 -20.06 14.95 -15.79
N VAL B 511 -19.14 15.39 -14.94
CA VAL B 511 -17.80 14.82 -14.93
C VAL B 511 -17.82 13.39 -14.40
N ILE B 512 -18.74 13.08 -13.48
CA ILE B 512 -18.73 11.76 -12.87
C ILE B 512 -19.31 10.70 -13.80
N LEU B 513 -20.33 11.05 -14.59
CA LEU B 513 -20.95 10.10 -15.51
C LEU B 513 -20.17 9.92 -16.81
N ALA B 514 -19.17 10.70 -17.09
CA ALA B 514 -18.50 10.59 -18.33
C ALA B 514 -17.05 10.80 -18.12
N PRO B 515 -16.36 9.76 -17.68
CA PRO B 515 -14.95 9.88 -17.37
C PRO B 515 -13.87 9.41 -18.34
N ASN B 516 -14.19 9.17 -19.61
CA ASN B 516 -13.27 8.68 -20.64
C ASN B 516 -13.12 9.71 -21.74
N PRO B 517 -11.99 9.69 -22.45
CA PRO B 517 -11.44 10.76 -23.29
C PRO B 517 -12.34 11.30 -24.40
N GLU B 518 -13.17 10.49 -25.06
CA GLU B 518 -14.11 11.07 -26.02
C GLU B 518 -15.12 11.97 -25.31
N ALA B 519 -15.51 11.55 -24.12
CA ALA B 519 -16.37 12.39 -23.31
C ALA B 519 -15.68 13.69 -22.94
N PHE B 520 -14.35 13.71 -22.90
CA PHE B 520 -13.67 14.95 -22.56
C PHE B 520 -13.95 16.03 -23.60
N GLY B 521 -13.88 15.67 -24.88
CA GLY B 521 -14.20 16.64 -25.90
C GLY B 521 -15.66 17.01 -25.90
N LEU B 522 -16.54 16.03 -25.61
CA LEU B 522 -17.95 16.37 -25.48
C LEU B 522 -18.18 17.39 -24.36
N LEU B 523 -17.52 17.16 -23.22
CA LEU B 523 -17.67 18.06 -22.08
C LEU B 523 -17.07 19.43 -22.37
N VAL B 524 -16.01 19.49 -23.17
CA VAL B 524 -15.42 20.77 -23.53
C VAL B 524 -16.42 21.58 -24.35
N LEU B 525 -17.08 20.93 -25.31
CA LEU B 525 -18.07 21.64 -26.09
C LEU B 525 -19.24 22.10 -25.23
N ILE B 526 -19.63 21.27 -24.25
CA ILE B 526 -20.74 21.66 -23.36
C ILE B 526 -20.35 22.86 -22.52
N SER B 527 -19.11 22.88 -22.01
CA SER B 527 -18.67 23.98 -21.16
C SER B 527 -18.59 25.28 -21.94
N VAL B 528 -18.11 25.22 -23.18
CA VAL B 528 -18.07 26.44 -23.98
C VAL B 528 -19.48 26.92 -24.28
N SER B 529 -20.42 26.01 -24.51
CA SER B 529 -21.79 26.45 -24.75
C SER B 529 -22.41 27.10 -23.51
N PHE B 530 -22.08 26.61 -22.32
CA PHE B 530 -22.60 27.25 -21.11
C PHE B 530 -21.97 28.62 -20.88
N VAL B 531 -20.68 28.76 -21.20
CA VAL B 531 -20.06 30.09 -21.09
C VAL B 531 -20.72 31.07 -22.04
N ALA B 532 -21.02 30.61 -23.26
CA ALA B 532 -21.69 31.48 -24.20
C ALA B 532 -23.10 31.84 -23.74
N MET B 533 -23.80 30.90 -23.11
CA MET B 533 -25.15 31.21 -22.62
C MET B 533 -25.11 32.25 -21.50
N GLY B 534 -24.13 32.14 -20.61
CA GLY B 534 -24.02 33.12 -19.54
C GLY B 534 -23.66 34.50 -20.06
N HIS B 535 -22.77 34.57 -21.06
CA HIS B 535 -22.46 35.87 -21.62
C HIS B 535 -23.62 36.44 -22.44
N ILE B 536 -24.47 35.58 -23.01
CA ILE B 536 -25.66 36.08 -23.68
C ILE B 536 -26.63 36.70 -22.67
N MET B 537 -26.79 36.07 -21.51
CA MET B 537 -27.63 36.68 -20.48
C MET B 537 -27.04 38.00 -20.00
N TYR B 538 -25.72 38.07 -19.85
CA TYR B 538 -25.13 39.35 -19.44
C TYR B 538 -25.31 40.40 -20.53
N PHE B 539 -25.23 40.01 -21.80
CA PHE B 539 -25.44 40.97 -22.87
C PHE B 539 -26.87 41.51 -22.85
N ARG B 540 -27.83 40.66 -22.49
CA ARG B 540 -29.20 41.14 -22.37
C ARG B 540 -29.32 42.15 -21.23
N PHE B 541 -28.70 41.86 -20.09
CA PHE B 541 -28.74 42.81 -18.98
C PHE B 541 -28.07 44.12 -19.35
N ALA B 542 -26.98 44.05 -20.13
CA ALA B 542 -26.22 45.25 -20.45
C ALA B 542 -26.97 46.10 -21.47
N GLN B 543 -27.60 45.46 -22.46
CA GLN B 543 -28.40 46.23 -23.40
C GLN B 543 -29.62 46.83 -22.73
N ASN B 544 -30.15 46.20 -21.69
CA ASN B 544 -31.22 46.82 -20.92
C ASN B 544 -30.70 48.02 -20.15
N THR B 545 -29.54 47.89 -19.51
CA THR B 545 -29.03 48.95 -18.66
C THR B 545 -28.66 50.20 -19.44
N LEU B 546 -28.22 50.04 -20.69
CA LEU B 546 -27.76 51.17 -21.49
C LEU B 546 -28.58 51.32 -22.76
N ASP C 1 -11.85 -19.74 4.21
CA ASP C 1 -10.69 -18.86 4.23
C ASP C 1 -10.26 -18.52 2.82
N ILE C 2 -9.45 -17.48 2.67
CA ILE C 2 -8.91 -17.14 1.36
C ILE C 2 -7.72 -18.04 1.07
N VAL C 3 -7.67 -18.59 -0.14
CA VAL C 3 -6.68 -19.57 -0.53
C VAL C 3 -5.75 -18.92 -1.53
N LEU C 4 -4.45 -19.08 -1.32
CA LEU C 4 -3.42 -18.52 -2.18
C LEU C 4 -2.71 -19.64 -2.92
N THR C 5 -2.70 -19.55 -4.25
CA THR C 5 -2.14 -20.58 -5.11
C THR C 5 -0.94 -19.98 -5.82
N GLN C 6 0.26 -20.41 -5.43
CA GLN C 6 1.48 -19.96 -6.07
C GLN C 6 1.82 -20.84 -7.27
N SER C 7 2.59 -20.27 -8.20
CA SER C 7 2.95 -21.00 -9.40
C SER C 7 4.19 -20.39 -10.03
N PRO C 8 5.17 -21.21 -10.46
CA PRO C 8 5.28 -22.66 -10.34
C PRO C 8 5.82 -23.06 -8.97
N ALA C 9 5.72 -24.32 -8.58
CA ALA C 9 6.22 -24.70 -7.26
C ALA C 9 7.73 -24.65 -7.24
N SER C 10 8.38 -24.89 -8.38
CA SER C 10 9.83 -24.89 -8.52
C SER C 10 10.17 -24.18 -9.82
N LEU C 11 11.13 -23.27 -9.78
CA LEU C 11 11.48 -22.49 -10.96
C LEU C 11 12.99 -22.50 -11.19
N PRO C 12 13.48 -23.23 -12.20
CA PRO C 12 14.90 -23.15 -12.56
C PRO C 12 15.18 -22.02 -13.54
N VAL C 13 16.23 -21.22 -13.30
CA VAL C 13 16.52 -20.06 -14.15
C VAL C 13 18.04 -19.88 -14.23
N SER C 14 18.54 -19.68 -15.45
CA SER C 14 19.96 -19.42 -15.62
C SER C 14 20.26 -17.98 -15.17
N LEU C 15 21.47 -17.80 -14.63
CA LEU C 15 21.92 -16.48 -14.23
C LEU C 15 21.65 -15.43 -15.30
N GLY C 16 21.25 -14.24 -14.86
CA GLY C 16 21.06 -13.13 -15.76
C GLY C 16 19.70 -13.05 -16.41
N GLN C 17 18.99 -14.17 -16.51
CA GLN C 17 17.64 -14.20 -17.07
C GLN C 17 16.64 -13.60 -16.07
N ARG C 18 15.36 -13.60 -16.44
CA ARG C 18 14.30 -13.10 -15.57
C ARG C 18 13.49 -14.25 -15.00
N ALA C 19 12.99 -14.06 -13.78
CA ALA C 19 12.11 -15.00 -13.11
C ALA C 19 10.74 -14.40 -12.84
N THR C 20 9.69 -15.18 -13.08
CA THR C 20 8.31 -14.74 -12.96
C THR C 20 7.57 -15.70 -12.04
N ILE C 21 7.08 -15.20 -10.89
CA ILE C 21 6.38 -16.03 -9.92
C ILE C 21 4.98 -15.45 -9.74
N SER C 22 3.95 -16.28 -9.88
CA SER C 22 2.58 -15.81 -9.86
C SER C 22 1.86 -16.34 -8.63
N CYS C 23 0.77 -15.66 -8.26
CA CYS C 23 0.04 -15.98 -7.04
C CYS C 23 -1.41 -15.56 -7.28
N ARG C 24 -2.34 -16.49 -7.03
CA ARG C 24 -3.75 -16.26 -7.34
C ARG C 24 -4.60 -16.50 -6.11
N ALA C 25 -5.52 -15.57 -5.83
CA ALA C 25 -6.35 -15.63 -4.64
C ALA C 25 -7.74 -16.16 -4.96
N SER C 26 -8.30 -16.94 -4.04
CA SER C 26 -9.69 -17.38 -4.13
C SER C 26 -10.68 -16.22 -4.12
N LYS C 27 -10.32 -15.09 -3.52
CA LYS C 27 -11.17 -13.91 -3.48
C LYS C 27 -10.28 -12.67 -3.59
N SER C 28 -10.91 -11.52 -3.80
CA SER C 28 -10.13 -10.31 -3.92
C SER C 28 -9.47 -9.97 -2.58
N VAL C 29 -8.31 -9.33 -2.68
CA VAL C 29 -7.55 -8.79 -1.56
C VAL C 29 -7.38 -7.28 -1.64
N SER C 30 -8.07 -6.63 -2.57
CA SER C 30 -8.00 -5.18 -2.70
C SER C 30 -9.11 -4.56 -1.87
N ALA C 31 -8.84 -3.52 -1.15
CA ALA C 31 -9.89 -2.79 -0.49
C ALA C 31 -9.51 -1.43 -0.71
N SER C 32 -10.39 -0.69 -1.36
CA SER C 32 -10.17 0.70 -1.64
C SER C 32 -8.95 0.89 -2.46
N ALA C 33 -7.97 1.63 -2.08
CA ALA C 33 -6.77 1.84 -2.85
C ALA C 33 -5.69 0.85 -2.72
N TYR C 34 -5.87 -0.17 -1.91
CA TYR C 34 -4.79 -1.06 -1.60
C TYR C 34 -4.98 -2.43 -1.94
N SER C 35 -3.92 -3.16 -2.00
CA SER C 35 -3.93 -4.58 -2.32
C SER C 35 -3.09 -5.25 -1.24
N TYR C 36 -3.64 -6.30 -0.65
CA TYR C 36 -3.03 -6.79 0.57
C TYR C 36 -2.30 -8.08 0.29
N MET C 37 -1.41 -8.06 -0.70
CA MET C 37 -0.54 -9.16 -1.00
C MET C 37 0.88 -8.72 -0.70
N HIS C 38 1.65 -9.59 -0.06
CA HIS C 38 3.05 -9.32 0.20
C HIS C 38 3.89 -10.54 -0.16
N TRP C 39 5.18 -10.28 -0.37
CA TRP C 39 6.14 -11.28 -0.82
C TRP C 39 7.31 -11.28 0.13
N TYR C 40 7.76 -12.49 0.50
CA TYR C 40 8.86 -12.73 1.43
C TYR C 40 9.84 -13.72 0.82
N GLN C 41 11.12 -13.57 1.17
CA GLN C 41 12.16 -14.49 0.78
C GLN C 41 12.71 -15.21 2.01
N GLN C 42 12.83 -16.53 1.94
CA GLN C 42 13.43 -17.33 3.00
C GLN C 42 14.53 -18.24 2.44
N LYS C 43 15.76 -18.03 2.90
CA LYS C 43 16.86 -18.94 2.65
C LYS C 43 16.96 -19.99 3.76
N PRO C 44 17.59 -21.13 3.49
CA PRO C 44 17.63 -22.21 4.50
C PRO C 44 18.34 -21.78 5.78
N GLY C 45 17.79 -22.26 6.91
CA GLY C 45 18.24 -21.92 8.24
C GLY C 45 17.90 -20.53 8.74
N GLN C 46 17.34 -19.68 7.90
CA GLN C 46 17.12 -18.28 8.17
C GLN C 46 15.63 -18.03 8.37
N PRO C 47 15.25 -16.88 8.91
CA PRO C 47 13.83 -16.53 8.91
C PRO C 47 13.44 -15.91 7.58
N PRO C 48 12.15 -15.83 7.28
CA PRO C 48 11.74 -15.13 6.07
C PRO C 48 11.93 -13.62 6.20
N LYS C 49 12.27 -13.01 5.08
CA LYS C 49 12.58 -11.60 5.06
C LYS C 49 11.65 -10.92 4.07
N PRO C 50 11.03 -9.80 4.44
CA PRO C 50 10.10 -9.14 3.51
C PRO C 50 10.76 -8.55 2.28
N LEU C 51 10.15 -8.80 1.12
CA LEU C 51 10.61 -8.21 -0.12
C LEU C 51 9.66 -7.15 -0.64
N ILE C 52 8.38 -7.46 -0.86
CA ILE C 52 7.50 -6.47 -1.46
C ILE C 52 6.19 -6.43 -0.70
N TYR C 53 5.68 -5.23 -0.40
CA TYR C 53 4.45 -5.18 0.38
C TYR C 53 3.44 -4.23 -0.25
N LEU C 54 2.17 -4.43 0.08
CA LEU C 54 1.04 -3.78 -0.59
C LEU C 54 1.04 -4.02 -2.09
N ALA C 55 1.87 -4.97 -2.52
CA ALA C 55 1.86 -5.68 -3.79
C ALA C 55 2.70 -4.92 -4.82
N SER C 56 3.30 -3.80 -4.41
CA SER C 56 4.18 -3.11 -5.35
C SER C 56 5.13 -2.14 -4.66
N ASN C 57 5.39 -2.32 -3.37
CA ASN C 57 6.28 -1.41 -2.65
C ASN C 57 7.58 -2.11 -2.29
N LEU C 58 8.70 -1.46 -2.58
CA LEU C 58 9.99 -2.11 -2.36
C LEU C 58 10.39 -1.96 -0.90
N GLU C 59 10.74 -3.07 -0.26
CA GLU C 59 11.23 -3.00 1.11
C GLU C 59 12.62 -2.36 1.12
N SER C 60 12.97 -1.70 2.21
CA SER C 60 14.21 -0.94 2.24
C SER C 60 15.39 -1.90 2.27
N GLY C 61 16.38 -1.63 1.42
CA GLY C 61 17.55 -2.48 1.27
C GLY C 61 17.41 -3.54 0.20
N VAL C 62 16.19 -3.83 -0.24
CA VAL C 62 15.94 -4.86 -1.26
C VAL C 62 16.37 -4.34 -2.63
N PRO C 63 17.24 -5.07 -3.33
CA PRO C 63 17.72 -4.59 -4.64
C PRO C 63 16.58 -4.35 -5.62
N ALA C 64 16.78 -3.35 -6.48
CA ALA C 64 15.76 -2.94 -7.44
C ALA C 64 15.36 -4.08 -8.39
N ARG C 65 16.19 -5.11 -8.51
CA ARG C 65 15.87 -6.25 -9.36
C ARG C 65 14.53 -6.90 -9.02
N PHE C 66 14.03 -6.71 -7.81
CA PHE C 66 12.75 -7.25 -7.39
C PHE C 66 11.64 -6.24 -7.62
N SER C 67 10.53 -6.70 -8.22
CA SER C 67 9.38 -5.83 -8.40
C SER C 67 8.11 -6.67 -8.29
N GLY C 68 7.00 -6.00 -8.01
CA GLY C 68 5.73 -6.69 -7.91
C GLY C 68 4.62 -5.94 -8.62
N SER C 69 3.55 -6.66 -8.91
CA SER C 69 2.39 -6.08 -9.57
C SER C 69 1.18 -6.97 -9.31
N GLY C 70 0.02 -6.47 -9.72
CA GLY C 70 -1.22 -7.23 -9.70
C GLY C 70 -2.31 -6.51 -8.95
N SER C 71 -3.46 -7.16 -8.89
CA SER C 71 -4.63 -6.59 -8.22
C SER C 71 -5.77 -7.59 -8.24
N GLY C 72 -6.72 -7.37 -7.33
CA GLY C 72 -7.86 -8.23 -7.22
C GLY C 72 -7.46 -9.57 -6.67
N THR C 73 -7.30 -10.50 -7.59
CA THR C 73 -6.98 -11.88 -7.29
C THR C 73 -5.70 -12.35 -7.92
N ASP C 74 -5.16 -11.64 -8.91
CA ASP C 74 -3.95 -12.10 -9.59
C ASP C 74 -2.79 -11.18 -9.27
N PHE C 75 -1.66 -11.77 -8.86
CA PHE C 75 -0.48 -11.01 -8.48
C PHE C 75 0.76 -11.68 -9.05
N THR C 76 1.80 -10.89 -9.24
CA THR C 76 3.04 -11.39 -9.83
C THR C 76 4.23 -10.71 -9.18
N LEU C 77 5.25 -11.52 -8.86
CA LEU C 77 6.55 -11.06 -8.43
C LEU C 77 7.54 -11.33 -9.56
N ASN C 78 8.34 -10.31 -9.89
CA ASN C 78 9.33 -10.40 -10.96
C ASN C 78 10.73 -10.17 -10.40
N ILE C 79 11.69 -10.92 -10.92
CA ILE C 79 13.10 -10.71 -10.62
C ILE C 79 13.84 -10.62 -11.95
N HIS C 80 14.35 -9.43 -12.25
CA HIS C 80 15.14 -9.20 -13.46
C HIS C 80 16.23 -8.19 -13.19
N PRO C 81 17.51 -8.53 -13.40
CA PRO C 81 18.09 -9.82 -13.73
C PRO C 81 18.32 -10.69 -12.51
N VAL C 82 18.24 -11.99 -12.65
CA VAL C 82 18.47 -12.86 -11.51
C VAL C 82 19.96 -12.94 -11.24
N GLU C 83 20.33 -13.15 -9.98
CA GLU C 83 21.71 -13.28 -9.57
C GLU C 83 21.84 -14.55 -8.74
N GLU C 84 23.08 -14.97 -8.49
CA GLU C 84 23.32 -16.22 -7.76
C GLU C 84 22.58 -16.25 -6.44
N GLU C 85 22.54 -15.11 -5.74
CA GLU C 85 22.08 -15.08 -4.36
C GLU C 85 20.58 -15.21 -4.22
N ASP C 86 19.83 -15.14 -5.32
CA ASP C 86 18.39 -15.29 -5.23
C ASP C 86 17.92 -16.74 -5.08
N ALA C 87 18.82 -17.72 -5.13
CA ALA C 87 18.44 -19.10 -4.83
C ALA C 87 17.80 -19.21 -3.45
N ALA C 88 16.49 -19.47 -3.40
CA ALA C 88 15.77 -19.23 -2.14
C ALA C 88 14.30 -19.60 -2.35
N THR C 89 13.51 -19.59 -1.29
CA THR C 89 12.08 -19.89 -1.42
C THR C 89 11.29 -18.61 -1.17
N TYR C 90 10.36 -18.32 -2.07
CA TYR C 90 9.57 -17.10 -2.01
C TYR C 90 8.12 -17.43 -1.69
N TYR C 91 7.50 -16.58 -0.87
CA TYR C 91 6.12 -16.81 -0.46
C TYR C 91 5.29 -15.55 -0.64
N CYS C 92 4.05 -15.72 -1.12
CA CYS C 92 3.05 -14.67 -1.06
C CYS C 92 2.19 -14.86 0.19
N GLN C 93 1.52 -13.78 0.58
CA GLN C 93 0.77 -13.77 1.82
C GLN C 93 -0.25 -12.65 1.75
N HIS C 94 -1.50 -12.95 2.11
CA HIS C 94 -2.50 -11.91 2.04
C HIS C 94 -2.84 -11.42 3.44
N ASN C 95 -3.33 -10.18 3.48
CA ASN C 95 -3.65 -9.49 4.71
C ASN C 95 -5.09 -9.00 4.77
N ARG C 96 -5.92 -9.32 3.76
CA ARG C 96 -7.20 -8.64 3.61
C ARG C 96 -8.13 -8.93 4.78
N GLU C 97 -8.06 -10.13 5.35
CA GLU C 97 -9.00 -10.55 6.38
C GLU C 97 -8.35 -11.66 7.19
N LEU C 98 -8.90 -11.90 8.38
CA LEU C 98 -8.46 -13.02 9.19
C LEU C 98 -9.18 -14.31 8.79
N PRO C 99 -8.52 -15.47 8.93
CA PRO C 99 -7.09 -15.64 9.24
C PRO C 99 -6.20 -15.36 8.04
N TYR C 100 -5.06 -14.75 8.32
CA TYR C 100 -3.98 -14.62 7.34
C TYR C 100 -3.53 -15.99 6.85
N THR C 101 -3.19 -16.07 5.57
CA THR C 101 -2.73 -17.30 4.94
C THR C 101 -1.61 -17.01 3.96
N PHE C 102 -0.77 -18.01 3.75
CA PHE C 102 0.40 -17.95 2.89
C PHE C 102 0.21 -18.83 1.67
N GLY C 103 0.78 -18.39 0.55
CA GLY C 103 0.98 -19.29 -0.57
C GLY C 103 1.94 -20.41 -0.23
N GLY C 104 1.87 -21.47 -1.05
CA GLY C 104 2.63 -22.67 -0.75
C GLY C 104 4.12 -22.58 -1.00
N GLY C 105 4.60 -21.49 -1.56
CA GLY C 105 6.04 -21.33 -1.74
C GLY C 105 6.48 -21.66 -3.15
N THR C 106 7.49 -20.93 -3.62
CA THR C 106 8.17 -21.21 -4.89
C THR C 106 9.66 -21.20 -4.63
N LYS C 107 10.29 -22.35 -4.80
CA LYS C 107 11.74 -22.45 -4.64
C LYS C 107 12.41 -22.04 -5.94
N LEU C 108 13.28 -21.05 -5.86
CA LEU C 108 14.03 -20.56 -7.01
C LEU C 108 15.40 -21.23 -6.99
N GLU C 109 15.64 -22.00 -8.05
CA GLU C 109 16.84 -22.80 -8.29
C GLU C 109 17.62 -22.25 -9.47
N ILE C 110 18.93 -22.10 -9.32
CA ILE C 110 19.73 -21.56 -10.41
C ILE C 110 19.95 -22.74 -11.36
N LYS C 111 19.40 -22.64 -12.57
CA LYS C 111 19.64 -23.61 -13.62
C LYS C 111 21.12 -23.64 -14.00
N ARG C 112 21.64 -24.84 -14.20
CA ARG C 112 23.07 -25.04 -14.29
C ARG C 112 23.59 -24.56 -15.63
N ALA C 113 24.44 -27.42 -16.94
CA ALA C 113 24.36 -28.53 -17.87
C ALA C 113 23.92 -29.82 -17.19
N ASP C 114 22.90 -30.46 -17.77
CA ASP C 114 22.43 -31.78 -17.36
C ASP C 114 23.60 -32.70 -17.04
N ALA C 115 23.45 -33.48 -15.98
CA ALA C 115 24.51 -34.36 -15.54
C ALA C 115 23.93 -35.58 -14.83
N ALA C 116 24.53 -36.73 -15.11
CA ALA C 116 24.05 -38.02 -14.62
C ALA C 116 24.72 -38.35 -13.30
N PRO C 117 24.09 -39.20 -12.48
CA PRO C 117 24.65 -39.48 -11.17
C PRO C 117 25.66 -40.63 -11.19
N THR C 118 26.63 -40.52 -10.31
CA THR C 118 27.50 -41.64 -9.97
C THR C 118 26.84 -42.42 -8.84
N VAL C 119 26.51 -43.68 -9.10
CA VAL C 119 25.66 -44.47 -8.22
C VAL C 119 26.51 -45.57 -7.61
N SER C 120 26.35 -45.76 -6.30
CA SER C 120 27.11 -46.74 -5.55
C SER C 120 26.18 -47.46 -4.59
N ILE C 121 26.36 -48.77 -4.44
CA ILE C 121 25.50 -49.57 -3.57
C ILE C 121 26.36 -50.26 -2.54
N PHE C 122 25.85 -50.32 -1.31
CA PHE C 122 26.57 -50.90 -0.19
C PHE C 122 25.66 -51.90 0.51
N PRO C 123 26.13 -53.12 0.71
CA PRO C 123 25.37 -54.12 1.45
C PRO C 123 25.51 -53.90 2.95
N PRO C 124 24.70 -54.56 3.76
CA PRO C 124 24.83 -54.40 5.22
C PRO C 124 26.23 -54.74 5.69
N SER C 125 26.64 -54.10 6.77
CA SER C 125 27.90 -54.42 7.42
C SER C 125 27.75 -55.66 8.29
N SER C 126 28.86 -56.38 8.43
CA SER C 126 28.87 -57.55 9.30
C SER C 126 28.55 -57.18 10.75
N GLU C 127 29.04 -56.04 11.23
CA GLU C 127 28.60 -55.53 12.52
C GLU C 127 27.09 -55.45 12.60
N GLN C 128 26.46 -54.82 11.61
CA GLN C 128 25.01 -54.69 11.65
C GLN C 128 24.34 -56.06 11.65
N LEU C 129 24.85 -56.99 10.84
CA LEU C 129 24.21 -58.30 10.78
C LEU C 129 24.36 -59.01 12.12
N THR C 130 25.51 -58.83 12.77
CA THR C 130 25.72 -59.23 14.15
C THR C 130 24.59 -58.72 15.04
N SER C 131 24.14 -57.50 14.78
CA SER C 131 23.08 -56.90 15.61
C SER C 131 21.68 -57.42 15.29
N GLY C 132 21.52 -58.23 14.24
CA GLY C 132 20.21 -58.75 13.87
C GLY C 132 19.40 -57.93 12.90
N GLY C 133 19.92 -56.82 12.39
CA GLY C 133 19.24 -56.01 11.40
C GLY C 133 20.10 -55.92 10.15
N ALA C 134 19.51 -55.43 9.06
CA ALA C 134 20.29 -55.36 7.82
C ALA C 134 19.77 -54.22 6.96
N SER C 135 20.56 -53.18 6.82
CA SER C 135 20.24 -52.05 5.96
C SER C 135 21.12 -52.10 4.72
N VAL C 136 20.51 -51.93 3.56
CA VAL C 136 21.20 -51.79 2.29
C VAL C 136 21.07 -50.33 1.85
N VAL C 137 22.17 -49.76 1.39
CA VAL C 137 22.25 -48.32 1.13
C VAL C 137 22.62 -48.13 -0.33
N CYS C 138 22.02 -47.15 -0.97
CA CYS C 138 22.43 -46.75 -2.32
C CYS C 138 22.58 -45.24 -2.32
N PHE C 139 23.74 -44.78 -2.81
CA PHE C 139 24.04 -43.37 -2.98
C PHE C 139 23.97 -42.99 -4.45
N LEU C 140 23.34 -41.85 -4.74
CA LEU C 140 23.27 -41.29 -6.08
C LEU C 140 23.82 -39.88 -6.03
N ASN C 141 25.03 -39.70 -6.56
CA ASN C 141 25.86 -38.54 -6.27
C ASN C 141 26.06 -37.68 -7.51
N ASN C 142 25.83 -36.37 -7.35
CA ASN C 142 26.16 -35.37 -8.36
C ASN C 142 25.35 -35.50 -9.66
N PHE C 143 24.04 -35.26 -9.59
CA PHE C 143 23.20 -35.32 -10.77
C PHE C 143 22.43 -34.01 -10.89
N TYR C 144 21.87 -33.78 -12.09
CA TYR C 144 20.97 -32.67 -12.36
C TYR C 144 20.19 -32.99 -13.63
N PRO C 145 18.87 -32.78 -13.68
CA PRO C 145 17.94 -32.10 -12.79
C PRO C 145 17.64 -32.87 -11.50
N LYS C 146 16.82 -32.29 -10.63
CA LYS C 146 16.70 -32.84 -9.29
C LYS C 146 15.82 -34.09 -9.25
N ASP C 147 14.77 -34.17 -10.09
CA ASP C 147 13.85 -35.29 -9.96
C ASP C 147 14.43 -36.55 -10.57
N ILE C 148 14.20 -37.67 -9.89
CA ILE C 148 14.83 -38.95 -10.25
C ILE C 148 14.08 -40.05 -9.53
N ASN C 149 13.85 -41.19 -10.18
CA ASN C 149 13.18 -42.31 -9.55
C ASN C 149 14.19 -43.39 -9.16
N VAL C 150 14.03 -43.93 -7.95
CA VAL C 150 14.87 -45.04 -7.47
C VAL C 150 13.98 -46.24 -7.16
N LYS C 151 14.34 -47.39 -7.74
CA LYS C 151 13.60 -48.64 -7.56
C LYS C 151 14.51 -49.67 -6.93
N TRP C 152 14.10 -50.23 -5.79
CA TRP C 152 14.77 -51.37 -5.18
C TRP C 152 14.16 -52.68 -5.69
N LYS C 153 15.03 -53.63 -5.99
CA LYS C 153 14.62 -54.99 -6.36
C LYS C 153 15.35 -55.99 -5.47
N ILE C 154 14.59 -56.84 -4.82
CA ILE C 154 15.10 -57.96 -4.04
C ILE C 154 14.81 -59.23 -4.82
N ASP C 155 15.86 -60.01 -5.12
CA ASP C 155 15.74 -61.20 -5.99
C ASP C 155 14.84 -60.95 -7.19
N GLY C 156 15.00 -59.80 -7.84
CA GLY C 156 14.26 -59.49 -9.04
C GLY C 156 12.85 -58.95 -8.82
N SER C 157 12.40 -58.88 -7.58
CA SER C 157 11.05 -58.46 -7.24
C SER C 157 11.09 -57.03 -6.73
N GLU C 158 10.30 -56.16 -7.35
CA GLU C 158 10.21 -54.77 -6.91
C GLU C 158 9.78 -54.68 -5.45
N ARG C 159 10.29 -53.66 -4.76
CA ARG C 159 10.02 -53.46 -3.35
C ARG C 159 9.86 -51.98 -3.05
N GLN C 160 8.73 -51.61 -2.45
CA GLN C 160 8.45 -50.21 -2.14
C GLN C 160 8.12 -49.95 -0.69
N ASN C 161 7.76 -50.97 0.10
CA ASN C 161 7.70 -50.79 1.54
C ASN C 161 9.09 -50.84 2.15
N GLY C 162 9.34 -49.97 3.12
CA GLY C 162 10.62 -49.95 3.80
C GLY C 162 11.74 -49.15 3.17
N VAL C 163 11.43 -48.11 2.40
CA VAL C 163 12.44 -47.36 1.66
C VAL C 163 12.43 -45.92 2.16
N LEU C 164 13.61 -45.41 2.51
CA LEU C 164 13.76 -44.01 2.93
C LEU C 164 14.71 -43.30 1.98
N ASN C 165 14.19 -42.29 1.28
CA ASN C 165 14.94 -41.48 0.34
C ASN C 165 15.12 -40.07 0.89
N SER C 166 16.36 -39.61 0.95
CA SER C 166 16.66 -38.29 1.48
C SER C 166 17.57 -37.55 0.50
N TRP C 167 17.21 -36.31 0.17
CA TRP C 167 17.98 -35.51 -0.78
C TRP C 167 18.74 -34.42 -0.05
N THR C 168 19.95 -34.12 -0.51
CA THR C 168 20.65 -32.93 -0.04
C THR C 168 20.05 -31.69 -0.71
N ASP C 169 20.35 -30.53 -0.13
CA ASP C 169 20.11 -29.26 -0.80
C ASP C 169 21.05 -29.14 -1.99
N GLN C 170 20.70 -28.26 -2.92
CA GLN C 170 21.57 -28.00 -4.06
C GLN C 170 22.95 -27.59 -3.58
N ASP C 171 23.96 -28.26 -4.11
CA ASP C 171 25.34 -27.93 -3.80
C ASP C 171 25.71 -26.54 -4.29
N SER C 172 26.42 -25.79 -3.45
CA SER C 172 26.67 -24.38 -3.68
C SER C 172 27.85 -24.14 -4.61
N LYS C 173 28.63 -25.18 -4.92
CA LYS C 173 29.77 -25.06 -5.81
C LYS C 173 29.40 -25.53 -7.22
N ASP C 174 28.95 -26.77 -7.37
CA ASP C 174 28.75 -27.36 -8.68
C ASP C 174 27.28 -27.45 -9.08
N SER C 175 26.36 -27.10 -8.18
CA SER C 175 24.92 -27.06 -8.45
C SER C 175 24.32 -28.43 -8.73
N THR C 176 24.97 -29.50 -8.29
CA THR C 176 24.39 -30.84 -8.42
C THR C 176 23.60 -31.20 -7.16
N TYR C 177 22.83 -32.28 -7.26
CA TYR C 177 22.20 -32.89 -6.10
C TYR C 177 22.80 -34.26 -5.81
N SER C 178 22.54 -34.74 -4.59
CA SER C 178 22.77 -36.13 -4.25
C SER C 178 21.59 -36.65 -3.44
N MET C 179 21.45 -37.96 -3.40
CA MET C 179 20.38 -38.56 -2.63
C MET C 179 20.80 -39.92 -2.09
N SER C 180 20.23 -40.26 -0.94
CA SER C 180 20.48 -41.53 -0.26
C SER C 180 19.19 -42.33 -0.19
N SER C 181 19.26 -43.62 -0.55
CA SER C 181 18.13 -44.52 -0.48
C SER C 181 18.50 -45.68 0.43
N THR C 182 17.74 -45.88 1.50
CA THR C 182 18.00 -46.95 2.46
C THR C 182 16.84 -47.92 2.49
N LEU C 183 17.12 -49.20 2.26
CA LEU C 183 16.18 -50.30 2.45
C LEU C 183 16.57 -51.08 3.70
N THR C 184 15.66 -51.15 4.68
CA THR C 184 15.97 -51.82 5.94
C THR C 184 15.15 -53.11 6.06
N LEU C 185 15.82 -54.19 6.45
CA LEU C 185 15.21 -55.51 6.57
C LEU C 185 15.61 -56.14 7.90
N THR C 186 14.94 -57.25 8.22
CA THR C 186 15.44 -58.14 9.25
C THR C 186 16.59 -58.99 8.69
N LYS C 187 17.50 -59.39 9.59
CA LYS C 187 18.59 -60.28 9.20
C LYS C 187 18.09 -61.57 8.56
N ASP C 188 17.13 -62.25 9.21
CA ASP C 188 16.68 -63.53 8.69
C ASP C 188 15.96 -63.42 7.36
N GLU C 189 15.28 -62.30 7.11
CA GLU C 189 14.68 -62.11 5.79
C GLU C 189 15.74 -61.72 4.76
N TYR C 190 16.75 -60.97 5.18
CA TYR C 190 17.84 -60.61 4.28
C TYR C 190 18.63 -61.83 3.83
N GLU C 191 18.74 -62.85 4.68
CA GLU C 191 19.55 -64.01 4.36
C GLU C 191 18.85 -65.07 3.54
N ARG C 192 17.55 -64.92 3.26
CA ARG C 192 16.85 -65.91 2.45
C ARG C 192 16.70 -65.45 1.00
N HIS C 193 17.34 -64.35 0.64
CA HIS C 193 17.31 -63.80 -0.71
C HIS C 193 18.76 -63.57 -1.13
N ASN C 194 18.98 -63.42 -2.44
CA ASN C 194 20.35 -63.40 -2.94
C ASN C 194 20.71 -62.10 -3.64
N SER C 195 19.87 -61.57 -4.51
CA SER C 195 20.24 -60.43 -5.35
C SER C 195 19.52 -59.17 -4.91
N TYR C 196 20.27 -58.09 -4.74
CA TYR C 196 19.75 -56.79 -4.32
C TYR C 196 20.21 -55.74 -5.32
N THR C 197 19.28 -54.91 -5.79
CA THR C 197 19.56 -54.00 -6.89
C THR C 197 18.90 -52.65 -6.64
N CYS C 198 19.64 -51.55 -6.82
CA CYS C 198 19.00 -50.25 -6.93
C CYS C 198 19.16 -49.73 -8.35
N GLU C 199 18.05 -49.24 -8.91
CA GLU C 199 18.02 -48.72 -10.27
C GLU C 199 17.56 -47.27 -10.24
N ALA C 200 18.33 -46.40 -10.90
CA ALA C 200 18.09 -44.96 -10.93
C ALA C 200 17.67 -44.57 -12.33
N THR C 201 16.38 -44.23 -12.49
CA THR C 201 15.83 -43.71 -13.73
C THR C 201 15.86 -42.18 -13.66
N HIS C 202 16.68 -41.57 -14.52
CA HIS C 202 16.89 -40.13 -14.57
C HIS C 202 16.63 -39.64 -16.00
N LYS C 203 16.16 -38.40 -16.10
CA LYS C 203 15.99 -37.73 -17.40
C LYS C 203 17.24 -37.72 -18.27
N THR C 204 18.42 -37.93 -17.69
CA THR C 204 19.66 -37.81 -18.46
C THR C 204 19.86 -38.98 -19.41
N SER C 205 19.14 -40.08 -19.22
CA SER C 205 19.36 -41.32 -19.96
C SER C 205 18.02 -41.97 -20.25
N THR C 206 17.95 -42.65 -21.39
CA THR C 206 16.72 -43.35 -21.76
C THR C 206 16.42 -44.48 -20.79
N SER C 207 17.42 -45.29 -20.48
CA SER C 207 17.22 -46.44 -19.61
C SER C 207 17.87 -46.17 -18.26
N PRO C 208 17.41 -46.83 -17.20
CA PRO C 208 17.96 -46.52 -15.88
C PRO C 208 19.33 -47.15 -15.65
N ILE C 209 20.12 -46.48 -14.83
CA ILE C 209 21.40 -47.02 -14.38
C ILE C 209 21.14 -48.02 -13.24
N VAL C 210 21.74 -49.20 -13.34
CA VAL C 210 21.44 -50.29 -12.41
C VAL C 210 22.73 -50.70 -11.72
N LYS C 211 22.68 -50.79 -10.40
CA LYS C 211 23.74 -51.37 -9.59
C LYS C 211 23.15 -52.43 -8.69
N SER C 212 23.92 -53.49 -8.46
CA SER C 212 23.42 -54.69 -7.80
C SER C 212 24.56 -55.42 -7.12
N PHE C 213 24.20 -56.27 -6.17
CA PHE C 213 25.12 -57.26 -5.66
C PHE C 213 24.36 -58.52 -5.26
N ASN C 214 25.13 -59.59 -5.07
CA ASN C 214 24.63 -60.84 -4.54
C ASN C 214 25.33 -61.18 -3.23
N ARG C 215 24.56 -61.74 -2.31
CA ARG C 215 24.98 -61.90 -0.91
C ARG C 215 26.24 -62.74 -0.78
N ASN C 216 26.35 -63.79 -1.59
CA ASN C 216 27.40 -64.80 -1.48
C ASN C 216 28.55 -64.57 -2.44
N GLU C 217 28.70 -63.35 -2.96
CA GLU C 217 29.77 -63.05 -3.91
C GLU C 217 30.94 -62.43 -3.16
N CYS C 218 31.61 -63.31 -2.41
CA CYS C 218 32.85 -63.07 -1.66
C CYS C 218 33.23 -64.39 -1.01
N GLU D 1 15.75 0.31 15.87
CA GLU D 1 16.35 -0.95 15.44
C GLU D 1 15.69 -2.12 16.13
N VAL D 2 14.45 -2.42 15.71
CA VAL D 2 13.61 -3.37 16.44
C VAL D 2 14.18 -4.77 16.29
N GLN D 3 14.21 -5.51 17.40
CA GLN D 3 14.64 -6.89 17.42
C GLN D 3 13.64 -7.74 18.16
N LEU D 4 13.35 -8.91 17.61
CA LEU D 4 12.55 -9.94 18.27
C LEU D 4 13.43 -11.14 18.51
N GLN D 5 13.11 -11.92 19.55
CA GLN D 5 13.92 -13.10 19.84
C GLN D 5 13.08 -14.15 20.55
N GLU D 6 12.88 -15.28 19.88
CA GLU D 6 12.12 -16.40 20.44
C GLU D 6 12.99 -17.19 21.41
N SER D 7 12.33 -17.80 22.39
CA SER D 7 13.00 -18.73 23.28
C SER D 7 11.97 -19.68 23.88
N GLY D 8 12.45 -20.83 24.31
CA GLY D 8 11.59 -21.87 24.84
C GLY D 8 12.27 -23.21 24.83
N PRO D 9 11.59 -24.24 25.31
CA PRO D 9 12.22 -25.56 25.37
C PRO D 9 12.28 -26.20 24.00
N GLY D 10 13.34 -26.98 23.78
CA GLY D 10 13.50 -27.68 22.52
C GLY D 10 12.65 -28.93 22.38
N LEU D 11 12.25 -29.54 23.48
CA LEU D 11 11.53 -30.80 23.44
C LEU D 11 10.36 -30.82 24.42
N ALA D 12 9.22 -31.31 23.94
CA ALA D 12 8.04 -31.47 24.78
C ALA D 12 7.43 -32.83 24.50
N LYS D 13 6.91 -33.45 25.52
CA LYS D 13 6.23 -34.73 25.35
C LYS D 13 4.75 -34.55 25.05
N PRO D 14 4.17 -35.47 24.28
CA PRO D 14 2.73 -35.44 24.01
C PRO D 14 1.88 -35.29 25.26
N SER D 15 0.95 -34.34 25.21
CA SER D 15 -0.13 -34.02 26.17
C SER D 15 0.34 -33.02 27.21
N GLN D 16 1.58 -32.56 27.15
CA GLN D 16 2.07 -31.52 28.02
C GLN D 16 1.73 -30.13 27.46
N THR D 17 2.02 -29.11 28.25
CA THR D 17 1.85 -27.72 27.85
C THR D 17 3.20 -27.14 27.47
N LEU D 18 3.22 -26.37 26.38
CA LEU D 18 4.45 -25.76 25.87
C LEU D 18 4.29 -24.25 25.86
N SER D 19 5.26 -23.55 26.44
CA SER D 19 5.21 -22.08 26.50
C SER D 19 6.48 -21.49 25.89
N LEU D 20 6.31 -20.67 24.86
CA LEU D 20 7.40 -19.94 24.23
C LEU D 20 7.29 -18.45 24.56
N THR D 21 8.45 -17.78 24.54
CA THR D 21 8.57 -16.35 24.82
C THR D 21 9.17 -15.63 23.62
N CYS D 22 8.60 -14.49 23.27
CA CYS D 22 9.20 -13.57 22.31
C CYS D 22 9.59 -12.30 23.06
N SER D 23 10.90 -12.06 23.13
CA SER D 23 11.49 -10.91 23.79
C SER D 23 11.77 -9.83 22.75
N VAL D 24 11.25 -8.63 23.00
CA VAL D 24 11.23 -7.54 22.03
C VAL D 24 12.09 -6.41 22.55
N THR D 25 12.99 -5.90 21.71
CA THR D 25 13.76 -4.70 22.01
C THR D 25 13.61 -3.72 20.86
N GLY D 26 13.88 -2.44 21.17
CA GLY D 26 13.88 -1.39 20.17
C GLY D 26 12.52 -0.77 19.89
N SER D 27 11.47 -1.22 20.57
CA SER D 27 10.11 -0.74 20.32
C SER D 27 9.12 -1.41 21.28
N SER D 28 8.06 -0.70 21.65
CA SER D 28 7.17 -1.15 22.72
C SER D 28 6.03 -1.95 22.11
N ILE D 29 5.67 -3.04 22.78
CA ILE D 29 4.64 -3.97 22.32
C ILE D 29 3.26 -3.36 22.53
N THR D 30 3.21 -2.12 22.96
CA THR D 30 1.95 -1.40 23.12
C THR D 30 1.62 -0.52 21.92
N SER D 31 2.28 -0.71 20.78
CA SER D 31 1.93 0.09 19.61
C SER D 31 1.39 -0.71 18.43
N ASP D 32 1.93 -1.90 18.15
CA ASP D 32 1.54 -2.59 16.92
C ASP D 32 0.85 -3.93 17.17
N TYR D 33 0.90 -4.83 16.18
CA TYR D 33 0.38 -6.19 16.32
C TYR D 33 1.53 -7.18 16.42
N TRP D 34 1.35 -8.21 17.25
CA TRP D 34 2.44 -9.09 17.62
C TRP D 34 1.95 -10.51 17.39
N ASN D 35 2.58 -11.20 16.45
CA ASN D 35 2.03 -12.39 15.85
C ASN D 35 2.90 -13.60 16.10
N TRP D 36 2.30 -14.76 15.87
CA TRP D 36 2.97 -16.05 15.93
C TRP D 36 2.68 -16.79 14.64
N ILE D 37 3.70 -17.48 14.13
CA ILE D 37 3.67 -18.15 12.85
C ILE D 37 4.54 -19.38 13.00
N ARG D 38 4.17 -20.46 12.33
CA ARG D 38 5.05 -21.61 12.38
C ARG D 38 5.21 -22.23 11.00
N LYS D 39 6.31 -22.97 10.86
CA LYS D 39 6.73 -23.57 9.62
C LYS D 39 6.91 -25.05 9.89
N PHE D 40 6.12 -25.86 9.24
CA PHE D 40 6.10 -27.30 9.46
C PHE D 40 7.25 -27.97 8.73
N PRO D 41 7.67 -29.18 9.17
CA PRO D 41 8.62 -29.94 8.35
C PRO D 41 8.04 -30.07 6.96
N GLY D 42 8.71 -29.44 6.00
CA GLY D 42 8.13 -29.11 4.72
C GLY D 42 8.38 -27.64 4.47
N ASN D 43 7.61 -27.04 3.56
CA ASN D 43 7.72 -25.62 3.31
C ASN D 43 6.52 -24.81 3.79
N LYS D 44 5.66 -25.37 4.63
CA LYS D 44 4.32 -24.82 4.83
C LYS D 44 4.30 -23.86 6.02
N LEU D 45 4.06 -22.58 5.74
CA LEU D 45 3.90 -21.55 6.76
C LEU D 45 2.44 -21.42 7.20
N GLU D 46 2.21 -21.39 8.50
CA GLU D 46 0.85 -21.29 9.04
C GLU D 46 0.79 -20.15 10.05
N TYR D 47 -0.13 -19.21 9.82
CA TYR D 47 -0.47 -18.17 10.79
C TYR D 47 -1.23 -18.76 11.98
N MET D 48 -0.78 -18.44 13.20
CA MET D 48 -1.44 -18.91 14.40
C MET D 48 -2.32 -17.86 15.08
N GLY D 49 -1.91 -16.60 15.11
CA GLY D 49 -2.69 -15.57 15.73
C GLY D 49 -1.84 -14.40 16.18
N TYR D 50 -2.50 -13.45 16.85
CA TYR D 50 -1.82 -12.27 17.35
C TYR D 50 -2.33 -11.85 18.73
N ILE D 51 -1.56 -10.96 19.34
CA ILE D 51 -2.01 -10.08 20.41
C ILE D 51 -1.75 -8.65 19.98
N SER D 52 -2.70 -7.76 20.28
CA SER D 52 -2.66 -6.41 19.77
C SER D 52 -2.06 -5.46 20.80
N TYR D 53 -1.78 -4.23 20.34
CA TYR D 53 -1.32 -3.17 21.23
C TYR D 53 -2.22 -3.00 22.47
N SER D 54 -3.50 -3.33 22.34
CA SER D 54 -4.45 -3.14 23.43
C SER D 54 -4.62 -4.38 24.31
N GLY D 55 -3.87 -5.45 24.05
CA GLY D 55 -4.07 -6.70 24.74
C GLY D 55 -5.19 -7.55 24.20
N SER D 56 -5.85 -7.14 23.13
CA SER D 56 -6.82 -8.00 22.47
C SER D 56 -6.10 -9.08 21.68
N THR D 57 -6.64 -10.29 21.70
CA THR D 57 -6.01 -11.40 21.03
C THR D 57 -6.90 -11.94 19.93
N TYR D 58 -6.28 -12.64 18.98
CA TYR D 58 -7.02 -13.40 17.97
C TYR D 58 -6.29 -14.72 17.77
N TYR D 59 -7.03 -15.81 17.77
CA TYR D 59 -6.49 -17.14 17.52
C TYR D 59 -7.05 -17.66 16.21
N ASN D 60 -6.19 -18.20 15.36
CA ASN D 60 -6.62 -18.75 14.09
C ASN D 60 -7.56 -19.93 14.35
N PRO D 61 -8.83 -19.85 13.94
CA PRO D 61 -9.76 -20.92 14.29
C PRO D 61 -9.48 -22.22 13.56
N SER D 62 -8.83 -22.16 12.41
CA SER D 62 -8.43 -23.36 11.67
C SER D 62 -7.37 -24.19 12.36
N LEU D 63 -6.87 -23.76 13.52
CA LEU D 63 -5.85 -24.55 14.20
C LEU D 63 -6.48 -25.81 14.78
N LYS D 64 -5.69 -26.89 14.80
CA LYS D 64 -6.12 -28.08 15.53
C LYS D 64 -5.62 -28.07 16.97
N SER D 65 -4.65 -27.22 17.27
CA SER D 65 -4.15 -27.03 18.62
C SER D 65 -4.95 -25.95 19.33
N GLN D 66 -4.98 -26.02 20.65
CA GLN D 66 -5.55 -24.96 21.48
C GLN D 66 -4.42 -24.09 22.04
N ILE D 67 -4.49 -22.79 21.77
CA ILE D 67 -3.40 -21.88 22.10
C ILE D 67 -3.94 -20.72 22.92
N SER D 68 -3.06 -20.14 23.72
CA SER D 68 -3.28 -18.88 24.42
C SER D 68 -2.09 -17.95 24.16
N ILE D 69 -2.39 -16.68 23.86
CA ILE D 69 -1.37 -15.67 23.63
C ILE D 69 -1.50 -14.61 24.71
N THR D 70 -0.40 -14.33 25.41
CA THR D 70 -0.42 -13.33 26.48
C THR D 70 0.80 -12.43 26.35
N ARG D 71 0.90 -11.43 27.23
CA ARG D 71 2.07 -10.56 27.20
C ARG D 71 2.40 -10.02 28.59
N ASP D 72 3.54 -9.34 28.66
CA ASP D 72 4.00 -8.64 29.87
C ASP D 72 4.65 -7.35 29.40
N THR D 73 3.94 -6.23 29.64
CA THR D 73 4.38 -4.93 29.16
C THR D 73 5.56 -4.37 29.96
N SER D 74 5.73 -4.78 31.22
CA SER D 74 6.87 -4.29 31.99
C SER D 74 8.17 -4.87 31.50
N LYS D 75 8.13 -6.03 30.85
CA LYS D 75 9.31 -6.64 30.25
C LYS D 75 9.39 -6.41 28.76
N ASN D 76 8.28 -5.98 28.15
CA ASN D 76 8.14 -5.94 26.70
C ASN D 76 8.39 -7.34 26.13
N HIS D 77 7.77 -8.33 26.75
CA HIS D 77 7.73 -9.68 26.21
C HIS D 77 6.29 -10.10 25.92
N TYR D 78 6.13 -11.08 25.03
CA TYR D 78 4.86 -11.78 24.93
C TYR D 78 5.07 -13.28 24.72
N TYR D 79 3.99 -14.05 24.84
CA TYR D 79 4.10 -15.48 25.06
C TYR D 79 3.05 -16.22 24.26
N LEU D 80 3.40 -17.46 23.89
CA LEU D 80 2.52 -18.43 23.25
C LEU D 80 2.50 -19.70 24.08
N GLN D 81 1.33 -20.10 24.56
CA GLN D 81 1.17 -21.41 25.18
C GLN D 81 0.31 -22.30 24.28
N LEU D 82 0.81 -23.50 24.00
CA LEU D 82 0.03 -24.55 23.37
C LEU D 82 -0.32 -25.60 24.40
N ASN D 83 -1.61 -25.93 24.49
CA ASN D 83 -2.09 -26.91 25.44
C ASN D 83 -2.10 -28.29 24.80
N SER D 84 -1.83 -29.32 25.62
CA SER D 84 -1.80 -30.71 25.20
C SER D 84 -1.28 -30.91 23.77
N VAL D 85 0.03 -30.76 23.59
CA VAL D 85 0.61 -30.82 22.25
C VAL D 85 0.52 -32.23 21.70
N THR D 86 0.63 -32.34 20.38
CA THR D 86 0.80 -33.62 19.69
C THR D 86 2.02 -33.55 18.80
N THR D 87 2.35 -34.69 18.18
CA THR D 87 3.50 -34.78 17.29
C THR D 87 3.41 -33.80 16.13
N GLU D 88 2.19 -33.45 15.71
CA GLU D 88 2.01 -32.51 14.62
C GLU D 88 2.27 -31.06 15.01
N ASP D 89 2.48 -30.77 16.28
CA ASP D 89 2.99 -29.46 16.64
C ASP D 89 4.49 -29.32 16.48
N THR D 90 5.20 -30.36 16.05
CA THR D 90 6.62 -30.24 15.73
C THR D 90 6.82 -29.23 14.61
N ALA D 91 7.57 -28.17 14.87
CA ALA D 91 7.60 -27.06 13.92
C ALA D 91 8.69 -26.07 14.32
N THR D 92 8.94 -25.12 13.43
CA THR D 92 9.74 -23.94 13.77
C THR D 92 8.81 -22.76 13.98
N TYR D 93 8.99 -22.05 15.08
CA TYR D 93 8.06 -21.04 15.52
C TYR D 93 8.72 -19.67 15.42
N TYR D 94 8.01 -18.71 14.84
CA TYR D 94 8.47 -17.35 14.68
C TYR D 94 7.48 -16.41 15.32
N CYS D 95 8.00 -15.36 15.94
CA CYS D 95 7.22 -14.19 16.29
C CYS D 95 7.50 -13.10 15.26
N ALA D 96 6.51 -12.26 15.02
CA ALA D 96 6.72 -11.20 14.05
C ALA D 96 5.84 -10.01 14.37
N ARG D 97 6.39 -8.82 14.19
CA ARG D 97 5.58 -7.62 14.27
C ARG D 97 4.82 -7.36 12.97
N GLN D 98 3.65 -6.74 13.10
CA GLN D 98 2.91 -6.12 12.02
C GLN D 98 2.58 -4.69 12.39
N GLY D 99 3.09 -3.73 11.60
CA GLY D 99 2.88 -2.34 11.93
C GLY D 99 1.54 -1.84 11.42
N LEU D 100 1.03 -0.80 12.08
CA LEU D 100 -0.15 -0.08 11.60
C LEU D 100 0.08 0.79 10.38
N ARG D 101 1.26 1.37 10.23
CA ARG D 101 1.60 2.13 9.03
C ARG D 101 2.36 1.30 8.02
N ASN D 102 2.35 -0.01 8.19
CA ASN D 102 2.96 -0.94 7.25
C ASN D 102 1.93 -1.97 6.79
N TRP D 103 1.50 -2.84 7.70
CA TRP D 103 0.46 -3.84 7.50
C TRP D 103 0.91 -5.16 6.91
N TYR D 104 2.22 -5.41 7.03
CA TYR D 104 2.76 -6.73 6.77
C TYR D 104 3.73 -7.14 7.88
N PHE D 105 4.36 -8.29 7.72
CA PHE D 105 5.29 -8.78 8.72
C PHE D 105 6.66 -8.14 8.52
N ASP D 106 6.85 -6.97 9.11
CA ASP D 106 8.01 -6.15 8.77
C ASP D 106 9.25 -6.50 9.60
N VAL D 107 9.09 -7.16 10.74
CA VAL D 107 10.21 -7.63 11.54
C VAL D 107 9.90 -9.03 12.04
N TRP D 108 10.92 -9.90 12.01
CA TRP D 108 10.80 -11.30 12.40
C TRP D 108 11.87 -11.63 13.42
N GLY D 109 11.58 -12.59 14.29
CA GLY D 109 12.59 -13.29 15.03
C GLY D 109 13.32 -14.29 14.13
N THR D 110 14.33 -14.94 14.71
CA THR D 110 15.04 -15.97 13.95
C THR D 110 14.37 -17.33 14.03
N GLY D 111 13.46 -17.54 14.98
CA GLY D 111 12.73 -18.77 15.10
C GLY D 111 13.33 -19.71 16.14
N THR D 112 12.47 -20.50 16.78
CA THR D 112 12.93 -21.60 17.61
C THR D 112 12.18 -22.87 17.23
N THR D 113 12.87 -24.00 17.22
CA THR D 113 12.29 -25.24 16.75
C THR D 113 11.91 -26.12 17.93
N VAL D 114 10.76 -26.77 17.82
CA VAL D 114 10.22 -27.62 18.89
C VAL D 114 9.87 -28.97 18.27
N THR D 115 10.31 -30.04 18.91
CA THR D 115 9.95 -31.40 18.56
C THR D 115 9.07 -31.98 19.66
N VAL D 116 7.90 -32.45 19.27
CA VAL D 116 7.02 -33.19 20.18
C VAL D 116 7.12 -34.69 19.88
N SER D 117 7.51 -35.45 20.89
CA SER D 117 7.65 -36.89 20.76
C SER D 117 7.77 -37.47 22.17
N SER D 118 7.31 -38.70 22.32
CA SER D 118 7.44 -39.41 23.59
C SER D 118 8.66 -40.32 23.63
N ALA D 119 9.86 -39.76 23.65
CA ALA D 119 10.97 -40.65 23.34
C ALA D 119 12.17 -40.44 24.24
N LYS D 120 12.81 -41.55 24.55
CA LYS D 120 14.01 -41.65 25.37
C LYS D 120 15.21 -41.10 24.63
N THR D 121 16.14 -40.48 25.35
CA THR D 121 17.36 -40.09 24.65
C THR D 121 18.17 -41.34 24.40
N THR D 122 18.80 -41.40 23.22
CA THR D 122 19.32 -42.68 22.73
C THR D 122 20.63 -42.51 21.97
N ALA D 123 21.61 -43.34 22.30
CA ALA D 123 22.88 -43.24 21.61
C ALA D 123 22.75 -43.86 20.22
N PRO D 124 23.47 -43.34 19.23
CA PRO D 124 23.40 -43.94 17.88
C PRO D 124 24.31 -45.15 17.72
N SER D 125 23.89 -46.05 16.82
CA SER D 125 24.76 -47.10 16.32
C SER D 125 25.39 -46.66 15.00
N VAL D 126 26.70 -46.87 14.87
CA VAL D 126 27.47 -46.40 13.73
C VAL D 126 28.02 -47.60 12.95
N TYR D 127 27.71 -47.67 11.66
CA TYR D 127 28.09 -48.79 10.83
C TYR D 127 28.96 -48.32 9.66
N PRO D 128 30.11 -48.96 9.42
CA PRO D 128 30.86 -48.70 8.20
C PRO D 128 30.15 -49.22 6.95
N LEU D 129 30.35 -48.51 5.84
CA LEU D 129 29.84 -48.90 4.53
C LEU D 129 31.02 -49.01 3.57
N ALA D 130 31.48 -50.29 3.30
CA ALA D 130 32.57 -50.57 2.39
C ALA D 130 32.03 -51.13 1.08
N PRO D 131 32.75 -50.96 -0.02
CA PRO D 131 32.20 -51.36 -1.33
C PRO D 131 32.01 -52.86 -1.49
N VAL D 132 31.13 -53.18 -2.43
CA VAL D 132 30.75 -54.56 -2.76
C VAL D 132 32.00 -55.41 -2.96
N CYS D 133 31.96 -56.64 -2.45
CA CYS D 133 33.16 -57.49 -2.38
C CYS D 133 33.87 -57.63 -3.72
N GLY D 134 33.22 -57.26 -4.82
CA GLY D 134 33.85 -57.25 -6.13
C GLY D 134 35.14 -56.45 -6.17
N GLY D 135 35.98 -56.74 -7.16
CA GLY D 135 37.26 -56.07 -7.30
C GLY D 135 37.29 -54.85 -8.19
N THR D 136 36.28 -54.68 -9.05
CA THR D 136 36.38 -53.68 -10.10
C THR D 136 36.30 -52.28 -9.53
N THR D 137 37.23 -51.42 -9.94
CA THR D 137 37.32 -50.05 -9.46
C THR D 137 37.40 -49.12 -10.67
N GLY D 138 36.68 -48.01 -10.61
CA GLY D 138 36.91 -46.89 -11.50
C GLY D 138 38.11 -46.08 -11.07
N SER D 139 38.10 -44.80 -11.44
CA SER D 139 39.18 -43.90 -11.06
C SER D 139 39.09 -43.50 -9.60
N SER D 140 37.92 -43.66 -8.98
CA SER D 140 37.70 -43.24 -7.62
C SER D 140 36.87 -44.30 -6.90
N VAL D 141 36.81 -44.16 -5.57
CA VAL D 141 36.12 -45.10 -4.70
C VAL D 141 35.27 -44.31 -3.72
N THR D 142 34.01 -44.71 -3.58
CA THR D 142 33.08 -44.12 -2.62
C THR D 142 32.83 -45.05 -1.44
N LEU D 143 33.06 -44.54 -0.23
CA LEU D 143 32.77 -45.21 1.02
C LEU D 143 31.67 -44.46 1.76
N GLY D 144 31.19 -45.05 2.87
CA GLY D 144 30.17 -44.37 3.64
C GLY D 144 30.11 -44.76 5.10
N CYS D 145 29.29 -44.00 5.83
CA CYS D 145 29.10 -44.18 7.27
C CYS D 145 27.62 -44.01 7.56
N LEU D 146 27.02 -44.99 8.22
CA LEU D 146 25.61 -44.97 8.59
C LEU D 146 25.43 -44.77 10.09
N VAL D 147 24.66 -43.75 10.47
CA VAL D 147 24.42 -43.41 11.87
C VAL D 147 22.93 -43.56 12.10
N LYS D 148 22.55 -44.60 12.85
CA LYS D 148 21.17 -45.03 12.96
C LYS D 148 20.71 -45.10 14.40
N GLY D 149 19.44 -44.78 14.62
CA GLY D 149 18.80 -45.03 15.90
C GLY D 149 19.08 -44.06 17.02
N TYR D 150 19.19 -42.77 16.74
CA TYR D 150 19.49 -41.80 17.79
C TYR D 150 18.30 -40.90 18.03
N PHE D 151 18.36 -40.19 19.17
CA PHE D 151 17.36 -39.22 19.60
C PHE D 151 17.97 -38.40 20.73
N PRO D 152 17.81 -37.07 20.73
CA PRO D 152 17.21 -36.24 19.68
C PRO D 152 18.23 -35.69 18.70
N GLU D 153 17.79 -34.78 17.83
CA GLU D 153 18.72 -34.04 17.01
C GLU D 153 19.53 -33.09 17.90
N PRO D 154 20.72 -32.67 17.44
CA PRO D 154 21.41 -33.05 16.20
C PRO D 154 22.55 -34.03 16.50
N VAL D 155 23.18 -34.54 15.43
CA VAL D 155 24.48 -35.17 15.53
C VAL D 155 25.44 -34.37 14.66
N THR D 156 26.73 -34.53 14.94
CA THR D 156 27.76 -34.07 14.02
C THR D 156 28.57 -35.26 13.53
N LEU D 157 28.99 -35.18 12.27
CA LEU D 157 29.77 -36.23 11.64
C LEU D 157 30.91 -35.59 10.86
N THR D 158 32.11 -36.12 11.02
CA THR D 158 33.25 -35.72 10.21
C THR D 158 33.92 -36.97 9.66
N TRP D 159 34.86 -36.77 8.75
CA TRP D 159 35.67 -37.85 8.20
C TRP D 159 37.13 -37.58 8.52
N ASN D 160 37.76 -38.55 9.20
CA ASN D 160 39.17 -38.45 9.58
C ASN D 160 39.45 -37.16 10.35
N SER D 161 38.56 -36.83 11.28
CA SER D 161 38.69 -35.64 12.11
C SER D 161 38.70 -34.36 11.27
N GLY D 162 37.91 -34.35 10.20
CA GLY D 162 37.82 -33.20 9.33
C GLY D 162 38.93 -33.04 8.32
N SER D 163 39.98 -33.86 8.39
CA SER D 163 41.01 -33.83 7.36
C SER D 163 40.45 -34.14 5.98
N LEU D 164 39.30 -34.80 5.90
CA LEU D 164 38.73 -35.29 4.65
C LEU D 164 37.45 -34.49 4.44
N SER D 165 37.51 -33.52 3.53
CA SER D 165 36.44 -32.56 3.33
C SER D 165 35.89 -32.51 1.91
N SER D 166 36.72 -32.72 0.89
CA SER D 166 36.22 -32.85 -0.47
C SER D 166 35.56 -34.21 -0.69
N GLY D 167 34.56 -34.22 -1.55
CA GLY D 167 33.87 -35.45 -1.90
C GLY D 167 32.90 -36.01 -0.90
N VAL D 168 32.45 -35.23 0.07
CA VAL D 168 31.59 -35.70 1.15
C VAL D 168 30.20 -35.10 0.99
N HIS D 169 29.19 -35.95 1.04
CA HIS D 169 27.81 -35.51 1.21
C HIS D 169 27.22 -36.16 2.44
N THR D 170 26.65 -35.36 3.32
CA THR D 170 25.91 -35.84 4.47
C THR D 170 24.45 -35.49 4.29
N PHE D 171 23.59 -36.49 4.44
CA PHE D 171 22.18 -36.46 4.11
C PHE D 171 21.35 -36.12 5.35
N PRO D 172 20.28 -35.34 5.15
CA PRO D 172 19.45 -34.91 6.29
C PRO D 172 18.79 -36.08 6.99
N ALA D 173 18.69 -35.95 8.32
CA ALA D 173 18.12 -36.99 9.15
C ALA D 173 16.67 -37.28 8.77
N LEU D 174 16.29 -38.54 8.94
CA LEU D 174 14.93 -39.02 8.77
C LEU D 174 14.52 -39.82 9.99
N LEU D 175 13.22 -39.77 10.30
CA LEU D 175 12.67 -40.46 11.46
C LEU D 175 12.22 -41.85 11.03
N GLN D 176 12.65 -42.86 11.78
CA GLN D 176 12.18 -44.23 11.65
C GLN D 176 11.99 -44.80 13.03
N SER D 177 10.74 -45.18 13.33
CA SER D 177 10.37 -45.88 14.55
C SER D 177 10.76 -45.06 15.78
N GLY D 178 10.60 -43.74 15.73
CA GLY D 178 10.86 -42.95 16.90
C GLY D 178 12.28 -42.45 17.03
N LEU D 179 13.20 -42.94 16.21
CA LEU D 179 14.59 -42.52 16.26
C LEU D 179 15.07 -42.06 14.90
N TYR D 180 16.11 -41.22 14.89
CA TYR D 180 16.59 -40.66 13.65
C TYR D 180 17.69 -41.53 13.06
N THR D 181 17.75 -41.53 11.74
CA THR D 181 18.85 -42.11 10.99
C THR D 181 19.32 -41.09 9.97
N LEU D 182 20.65 -41.00 9.84
CA LEU D 182 21.27 -40.29 8.74
C LEU D 182 22.47 -41.10 8.28
N SER D 183 22.98 -40.74 7.12
CA SER D 183 24.16 -41.40 6.59
C SER D 183 24.98 -40.36 5.86
N SER D 184 26.19 -40.77 5.47
CA SER D 184 27.08 -39.86 4.77
C SER D 184 27.98 -40.67 3.86
N SER D 185 28.23 -40.12 2.68
CA SER D 185 29.13 -40.73 1.72
C SER D 185 30.33 -39.84 1.50
N VAL D 186 31.47 -40.45 1.22
CA VAL D 186 32.68 -39.72 0.85
C VAL D 186 33.38 -40.46 -0.28
N THR D 187 33.93 -39.70 -1.22
CA THR D 187 34.55 -40.25 -2.41
C THR D 187 35.99 -39.78 -2.46
N VAL D 188 36.92 -40.69 -2.74
CA VAL D 188 38.33 -40.37 -2.85
C VAL D 188 38.87 -41.01 -4.12
N THR D 189 40.14 -40.75 -4.40
CA THR D 189 40.81 -41.40 -5.52
C THR D 189 41.25 -42.82 -5.20
N SER D 190 41.52 -43.57 -6.26
CA SER D 190 41.75 -45.01 -6.15
C SER D 190 43.00 -45.31 -5.34
N ASN D 191 44.03 -44.47 -5.48
CA ASN D 191 45.30 -44.69 -4.79
C ASN D 191 45.25 -44.27 -3.33
N THR D 192 44.23 -43.51 -2.91
CA THR D 192 44.17 -43.07 -1.53
C THR D 192 43.96 -44.25 -0.58
N TRP D 193 42.84 -44.95 -0.75
CA TRP D 193 42.31 -46.12 -0.04
C TRP D 193 42.65 -47.41 -0.79
N PRO D 194 42.90 -48.51 -0.07
CA PRO D 194 42.87 -48.64 1.39
C PRO D 194 44.20 -48.32 2.07
N SER D 195 45.20 -47.92 1.28
CA SER D 195 46.51 -47.63 1.84
C SER D 195 46.48 -46.45 2.80
N GLN D 196 45.63 -45.46 2.53
CA GLN D 196 45.31 -44.43 3.51
C GLN D 196 44.01 -44.80 4.23
N THR D 197 44.03 -44.72 5.56
CA THR D 197 42.88 -45.15 6.34
C THR D 197 41.82 -44.06 6.32
N ILE D 198 40.55 -44.45 6.29
CA ILE D 198 39.44 -43.50 6.31
C ILE D 198 38.48 -43.90 7.41
N THR D 199 38.14 -42.93 8.27
CA THR D 199 37.40 -43.14 9.50
C THR D 199 36.29 -42.13 9.58
N CYS D 200 35.07 -42.55 9.92
CA CYS D 200 34.08 -41.55 10.30
C CYS D 200 34.04 -41.34 11.81
N ASN D 201 34.04 -40.06 12.19
CA ASN D 201 33.97 -39.59 13.57
C ASN D 201 32.58 -39.03 13.81
N VAL D 202 31.80 -39.67 14.68
CA VAL D 202 30.44 -39.25 14.98
C VAL D 202 30.38 -38.76 16.42
N ALA D 203 29.73 -37.63 16.64
CA ALA D 203 29.40 -37.15 17.97
C ALA D 203 27.91 -36.89 18.09
N HIS D 204 27.33 -37.38 19.19
CA HIS D 204 25.97 -37.01 19.61
C HIS D 204 26.05 -36.41 21.00
N PRO D 205 26.12 -35.08 21.09
CA PRO D 205 26.31 -34.43 22.39
C PRO D 205 25.25 -34.76 23.43
N ALA D 206 23.98 -34.86 23.03
CA ALA D 206 22.91 -35.06 24.01
C ALA D 206 23.05 -36.36 24.79
N SER D 207 23.73 -37.37 24.24
CA SER D 207 23.97 -38.59 25.00
C SER D 207 25.41 -38.68 25.52
N SER D 208 26.23 -37.64 25.30
CA SER D 208 27.67 -37.71 25.55
C SER D 208 28.33 -38.80 24.71
N THR D 209 27.82 -39.03 23.52
CA THR D 209 28.36 -40.07 22.65
C THR D 209 29.42 -39.52 21.70
N LYS D 210 30.49 -40.31 21.52
CA LYS D 210 31.57 -40.03 20.58
C LYS D 210 32.17 -41.35 20.11
N VAL D 211 32.15 -41.57 18.80
CA VAL D 211 32.37 -42.89 18.21
C VAL D 211 33.29 -42.72 17.01
N ASP D 212 34.32 -43.55 16.94
CA ASP D 212 35.23 -43.65 15.81
C ASP D 212 35.06 -44.98 15.08
N LYS D 213 34.72 -44.92 13.78
CA LYS D 213 34.46 -46.11 12.97
C LYS D 213 35.40 -46.17 11.77
N LYS D 214 36.35 -47.10 11.82
CA LYS D 214 37.25 -47.35 10.70
C LYS D 214 36.54 -48.10 9.57
N ILE D 215 36.86 -47.77 8.33
CA ILE D 215 36.31 -48.45 7.16
C ILE D 215 37.25 -49.57 6.72
N GLU D 216 36.81 -50.83 6.83
CA GLU D 216 37.69 -51.98 6.60
C GLU D 216 37.34 -52.65 5.27
N PRO D 217 38.31 -52.91 4.39
CA PRO D 217 38.00 -53.64 3.16
C PRO D 217 37.33 -54.98 3.48
N ARG D 218 36.29 -55.30 2.71
CA ARG D 218 35.58 -56.56 2.92
CA ARG D 218 35.58 -56.56 2.94
C ARG D 218 36.42 -57.75 2.45
N VAL D 219 36.29 -58.86 3.19
CA VAL D 219 36.92 -60.12 2.82
C VAL D 219 35.94 -61.23 3.17
N PRO D 220 35.87 -62.33 2.39
CA PRO D 220 34.95 -63.42 2.69
C PRO D 220 35.13 -64.01 4.09
#